data_6AH5
#
_entry.id   6AH5
#
_cell.length_a   110.531
_cell.length_b   139.436
_cell.length_c   323.963
_cell.angle_alpha   90.00
_cell.angle_beta   90.00
_cell.angle_gamma   90.00
#
_symmetry.space_group_name_H-M   'C 2 2 21'
#
loop_
_entity.id
_entity.type
_entity.pdbx_description
1 polymer 'P2X purinoceptor 3'
2 branched alpha-D-glucopyranose-(1-4)-alpha-D-glucopyranose
3 non-polymer "ADENOSINE-5'-TRIPHOSPHATE"
4 non-polymer 2-acetamido-2-deoxy-beta-D-glucopyranose
5 non-polymer 1,2-ETHANEDIOL
6 non-polymer 'MAGNESIUM ION'
#
_entity_poly.entity_id   1
_entity_poly.type   'polypeptide(L)'
_entity_poly.pdbx_seq_one_letter_code
;SREFDFFTYETPKVIVVKSWTIGIINRVVQLLIISYFVGWVFLHEKAYQVRDTAIESSVVTKVKGSGLYANRVMDVSDYV
TPPQGTSVFVIITKMIVTENQMQGFCPESEEKYRCVSDSQCGPERLPGGGILTGRCVNYSSVLRTCEIQGWCPTEVDTVE
TPIMMEAENFTIFIKNSIRFPLFNFEKGNLLPNLTARDMKTCRFHPDKDPFCPILRVGDVVKFAGQDFAKLARTGGVLGI
KIGWVCDLDKAWDQCIPKYSFTRLDSVSEKSSVSPGYNFRFAKYYKMENGSEYRTLLKAFGIRFDVLVYGNAGKFNIIPT
IISSVAAFTSVGVGTVLCDIILLNFLKGADQYKAKKFEEVNE
;
_entity_poly.pdbx_strand_id   A,B,C
#
loop_
_chem_comp.id
_chem_comp.type
_chem_comp.name
_chem_comp.formula
ATP non-polymer ADENOSINE-5'-TRIPHOSPHATE 'C10 H16 N5 O13 P3'
EDO non-polymer 1,2-ETHANEDIOL 'C2 H6 O2'
GLC D-saccharide, alpha linking alpha-D-glucopyranose 'C6 H12 O6'
MG non-polymer 'MAGNESIUM ION' 'Mg 2'
NAG D-saccharide, beta linking 2-acetamido-2-deoxy-beta-D-glucopyranose 'C8 H15 N O6'
#
# COMPACT_ATOMS: atom_id res chain seq x y z
N PHE A 6 37.37 0.73 -44.03
CA PHE A 6 38.45 1.71 -43.85
C PHE A 6 38.27 2.46 -42.52
N PHE A 7 39.29 2.40 -41.66
CA PHE A 7 39.23 3.07 -40.36
C PHE A 7 39.30 4.59 -40.54
N THR A 8 38.14 5.22 -40.73
CA THR A 8 38.06 6.62 -41.09
C THR A 8 37.28 7.38 -40.03
N TYR A 9 37.81 8.53 -39.63
CA TYR A 9 37.14 9.40 -38.68
C TYR A 9 36.60 10.61 -39.44
N GLU A 10 35.29 10.76 -39.43
CA GLU A 10 34.66 11.89 -40.09
C GLU A 10 34.36 13.04 -39.15
N THR A 11 34.27 14.25 -39.71
CA THR A 11 33.94 15.46 -38.98
C THR A 11 33.57 16.51 -40.01
N PRO A 12 32.61 17.39 -39.72
CA PRO A 12 32.06 18.26 -40.77
C PRO A 12 32.88 19.51 -40.98
N LYS A 13 32.78 20.05 -42.20
CA LYS A 13 33.38 21.35 -42.48
C LYS A 13 32.49 22.46 -41.93
N VAL A 14 33.12 23.44 -41.27
CA VAL A 14 32.41 24.41 -40.45
C VAL A 14 32.83 25.83 -40.81
N ILE A 15 31.83 26.70 -40.94
CA ILE A 15 32.06 28.14 -40.98
C ILE A 15 32.38 28.58 -39.57
N VAL A 16 33.25 29.56 -39.43
CA VAL A 16 33.57 30.07 -38.11
C VAL A 16 33.45 31.58 -38.15
N VAL A 17 32.22 32.09 -38.10
CA VAL A 17 32.01 33.53 -38.10
C VAL A 17 32.68 34.13 -36.89
N LYS A 18 33.25 35.34 -37.07
CA LYS A 18 34.00 36.08 -36.05
C LYS A 18 33.42 37.48 -35.85
N SER A 19 32.16 37.68 -36.23
CA SER A 19 31.43 38.90 -35.94
C SER A 19 31.29 39.04 -34.43
N TRP A 20 31.63 40.23 -33.92
CA TRP A 20 31.51 40.48 -32.49
C TRP A 20 30.07 40.27 -32.01
N THR A 21 29.10 40.62 -32.87
CA THR A 21 27.67 40.54 -32.53
C THR A 21 27.21 39.10 -32.29
N ILE A 22 27.28 38.26 -33.35
CA ILE A 22 26.83 36.88 -33.20
C ILE A 22 27.79 36.12 -32.30
N GLY A 23 29.07 36.51 -32.28
CA GLY A 23 29.99 35.94 -31.32
C GLY A 23 29.54 36.08 -29.86
N ILE A 24 29.25 37.30 -29.42
CA ILE A 24 28.81 37.46 -28.03
C ILE A 24 27.40 36.89 -27.80
N ILE A 25 26.50 36.97 -28.79
CA ILE A 25 25.16 36.44 -28.55
C ILE A 25 25.18 34.93 -28.40
N ASN A 26 26.03 34.23 -29.19
CA ASN A 26 26.16 32.79 -29.02
C ASN A 26 26.86 32.46 -27.71
N ARG A 27 27.91 33.20 -27.35
CA ARG A 27 28.58 32.92 -26.07
C ARG A 27 27.62 33.09 -24.88
N VAL A 28 26.72 34.08 -24.97
CA VAL A 28 25.72 34.30 -23.92
C VAL A 28 24.65 33.20 -23.94
N VAL A 29 24.21 32.77 -25.12
CA VAL A 29 23.29 31.64 -25.18
C VAL A 29 23.92 30.41 -24.55
N GLN A 30 25.21 30.18 -24.81
CA GLN A 30 25.90 29.04 -24.21
C GLN A 30 25.98 29.19 -22.69
N LEU A 31 26.23 30.42 -22.18
CA LEU A 31 26.19 30.65 -20.74
C LEU A 31 24.81 30.37 -20.14
N LEU A 32 23.74 30.77 -20.83
CA LEU A 32 22.40 30.52 -20.33
C LEU A 32 22.11 29.02 -20.28
N ILE A 33 22.48 28.28 -21.31
CA ILE A 33 22.26 26.83 -21.28
C ILE A 33 23.07 26.21 -20.16
N ILE A 34 24.34 26.57 -20.03
CA ILE A 34 25.17 25.98 -18.98
C ILE A 34 24.62 26.32 -17.59
N SER A 35 24.18 27.57 -17.38
CA SER A 35 23.67 27.98 -16.06
C SER A 35 22.31 27.34 -15.74
N TYR A 36 21.41 27.25 -16.72
CA TYR A 36 20.17 26.52 -16.52
C TYR A 36 20.47 25.07 -16.16
N PHE A 37 21.46 24.47 -16.82
CA PHE A 37 21.80 23.09 -16.52
C PHE A 37 22.43 22.94 -15.15
N VAL A 38 23.23 23.93 -14.73
CA VAL A 38 23.91 23.82 -13.44
C VAL A 38 22.93 24.06 -12.28
N GLY A 39 22.17 25.15 -12.36
CA GLY A 39 21.27 25.52 -11.27
C GLY A 39 20.02 24.68 -11.15
N TRP A 40 19.35 24.44 -12.27
CA TRP A 40 18.09 23.70 -12.26
C TRP A 40 18.38 22.19 -12.31
N VAL A 41 18.97 21.72 -13.41
CA VAL A 41 19.15 20.30 -13.63
C VAL A 41 20.02 19.67 -12.54
N PHE A 42 21.02 20.40 -12.08
CA PHE A 42 22.00 19.83 -11.17
C PHE A 42 21.70 20.16 -9.71
N LEU A 43 21.57 21.45 -9.37
CA LEU A 43 21.37 21.86 -7.98
C LEU A 43 19.94 21.58 -7.51
N HIS A 44 18.95 22.13 -8.21
CA HIS A 44 17.56 22.00 -7.83
C HIS A 44 17.15 20.55 -8.01
N GLU A 45 17.00 20.10 -9.25
CA GLU A 45 16.50 18.75 -9.51
C GLU A 45 17.49 17.67 -9.13
N LYS A 46 18.70 18.04 -8.70
CA LYS A 46 19.70 17.11 -8.14
C LYS A 46 19.81 15.85 -8.98
N ALA A 47 20.04 16.04 -10.29
CA ALA A 47 20.14 14.90 -11.19
C ALA A 47 21.44 14.14 -11.05
N TYR A 48 22.32 14.58 -10.18
CA TYR A 48 23.59 13.91 -9.96
C TYR A 48 23.53 12.73 -9.00
N GLN A 49 22.35 12.40 -8.45
CA GLN A 49 22.23 11.36 -7.44
C GLN A 49 21.07 10.46 -7.83
N VAL A 50 21.15 9.20 -7.43
CA VAL A 50 20.05 8.29 -7.72
C VAL A 50 19.00 8.42 -6.62
N ARG A 51 17.73 8.34 -7.01
CA ARG A 51 16.61 8.49 -6.11
C ARG A 51 16.00 7.12 -5.87
N ASP A 52 15.68 6.84 -4.61
CA ASP A 52 14.97 5.63 -4.20
C ASP A 52 13.66 6.04 -3.54
N THR A 53 12.57 5.62 -4.14
CA THR A 53 11.27 5.87 -3.55
C THR A 53 10.70 4.64 -2.86
N ALA A 54 11.24 3.45 -3.13
CA ALA A 54 10.74 2.20 -2.55
C ALA A 54 11.20 2.07 -1.09
N ILE A 55 10.55 2.80 -0.24
CA ILE A 55 10.87 2.79 1.18
C ILE A 55 10.14 1.63 1.84
N GLU A 56 10.79 0.96 2.78
CA GLU A 56 10.15 -0.04 3.64
C GLU A 56 9.85 0.59 5.00
N SER A 57 8.58 0.53 5.43
CA SER A 57 8.13 1.21 6.64
C SER A 57 7.40 0.23 7.54
N SER A 58 7.50 0.49 8.84
CA SER A 58 6.85 -0.33 9.84
C SER A 58 6.33 0.57 10.94
N VAL A 59 5.04 0.46 11.22
CA VAL A 59 4.36 1.33 12.18
C VAL A 59 3.81 0.44 13.29
N VAL A 60 4.07 0.84 14.54
CA VAL A 60 3.44 0.25 15.72
C VAL A 60 2.93 1.40 16.58
N THR A 61 1.66 1.32 16.99
CA THR A 61 1.04 2.40 17.73
C THR A 61 0.63 1.88 19.10
N LYS A 62 0.43 2.80 20.05
CA LYS A 62 -0.19 2.45 21.31
C LYS A 62 -0.86 3.70 21.84
N VAL A 63 -2.12 3.59 22.18
CA VAL A 63 -2.89 4.74 22.65
C VAL A 63 -2.88 4.75 24.18
N LYS A 64 -3.01 5.93 24.75
CA LYS A 64 -3.16 5.98 26.20
C LYS A 64 -4.21 7.03 26.54
N GLY A 65 -4.88 6.82 27.67
CA GLY A 65 -5.93 7.70 28.15
C GLY A 65 -7.06 6.99 28.88
N SER A 66 -7.83 7.76 29.65
CA SER A 66 -9.01 7.28 30.35
C SER A 66 -10.12 8.34 30.29
N GLY A 67 -11.37 7.89 30.23
CA GLY A 67 -12.48 8.82 30.14
C GLY A 67 -13.74 8.28 30.76
N LEU A 68 -14.68 9.20 30.97
CA LEU A 68 -16.00 8.87 31.47
C LEU A 68 -16.97 8.78 30.32
N TYR A 69 -17.74 7.69 30.30
CA TYR A 69 -18.82 7.53 29.35
C TYR A 69 -19.78 6.51 29.93
N ALA A 70 -21.08 6.83 29.89
CA ALA A 70 -22.10 5.97 30.45
C ALA A 70 -21.82 5.69 31.93
N ASN A 71 -21.29 6.70 32.61
CA ASN A 71 -20.88 6.56 34.00
C ASN A 71 -19.86 5.45 34.16
N ARG A 72 -19.04 5.20 33.15
CA ARG A 72 -17.95 4.25 33.29
C ARG A 72 -16.65 4.92 32.91
N VAL A 73 -15.58 4.41 33.49
CA VAL A 73 -14.22 4.82 33.15
C VAL A 73 -13.77 3.91 32.02
N MET A 74 -13.41 4.50 30.89
CA MET A 74 -13.03 3.72 29.73
C MET A 74 -11.53 3.79 29.60
N ASP A 75 -10.91 2.65 29.40
CA ASP A 75 -9.48 2.66 29.12
C ASP A 75 -9.29 2.27 27.65
N VAL A 76 -8.03 2.07 27.25
CA VAL A 76 -7.70 1.86 25.84
C VAL A 76 -8.44 0.67 25.28
N SER A 77 -8.45 -0.43 26.03
CA SER A 77 -9.07 -1.66 25.57
C SER A 77 -10.56 -1.48 25.40
N ASP A 78 -11.14 -0.39 25.96
CA ASP A 78 -12.53 0.05 25.85
C ASP A 78 -12.83 0.95 24.65
N TYR A 79 -11.96 1.92 24.32
CA TYR A 79 -12.31 2.87 23.26
C TYR A 79 -11.45 2.76 22.04
N VAL A 80 -10.47 1.88 22.05
CA VAL A 80 -9.58 1.68 20.92
C VAL A 80 -10.00 0.46 20.14
N THR A 81 -10.11 0.60 18.81
CA THR A 81 -10.49 -0.51 18.00
C THR A 81 -9.98 -0.39 16.59
N PRO A 82 -9.38 -1.44 16.02
CA PRO A 82 -8.95 -2.72 16.60
C PRO A 82 -7.78 -2.47 17.49
N PRO A 83 -7.40 -3.47 18.25
CA PRO A 83 -6.48 -3.23 19.37
C PRO A 83 -5.04 -3.59 19.13
N GLN A 84 -4.81 -4.31 18.05
CA GLN A 84 -3.46 -4.83 17.87
C GLN A 84 -2.49 -3.74 17.51
N GLY A 85 -2.99 -2.51 17.37
CA GLY A 85 -2.18 -1.32 17.25
C GLY A 85 -1.34 -1.12 16.02
N THR A 86 -1.95 -1.27 14.84
CA THR A 86 -1.20 -1.14 13.59
C THR A 86 -1.27 0.31 13.09
N SER A 87 -0.84 0.52 11.84
CA SER A 87 -0.88 1.87 11.29
C SER A 87 -2.31 2.37 11.06
N VAL A 88 -3.35 1.61 11.43
CA VAL A 88 -4.74 2.05 11.36
C VAL A 88 -5.41 1.78 12.69
N PHE A 89 -6.08 2.78 13.23
CA PHE A 89 -6.87 2.51 14.41
C PHE A 89 -7.98 3.55 14.53
N VAL A 90 -8.99 3.21 15.33
CA VAL A 90 -10.10 4.09 15.65
C VAL A 90 -10.19 4.27 17.16
N ILE A 91 -10.40 5.51 17.58
CA ILE A 91 -10.67 5.90 18.95
C ILE A 91 -12.13 6.31 19.03
N ILE A 92 -12.95 5.48 19.67
CA ILE A 92 -14.38 5.72 19.73
C ILE A 92 -14.66 6.88 20.66
N THR A 93 -15.43 7.85 20.15
CA THR A 93 -15.78 9.07 20.86
C THR A 93 -17.23 9.15 21.28
N LYS A 94 -18.09 8.34 20.66
CA LYS A 94 -19.54 8.37 20.86
C LYS A 94 -20.08 6.95 20.66
N MET A 95 -21.03 6.58 21.50
CA MET A 95 -21.64 5.26 21.46
C MET A 95 -23.14 5.39 21.64
N ILE A 96 -23.86 4.74 20.74
CA ILE A 96 -25.30 4.52 20.80
C ILE A 96 -25.43 3.04 21.10
N VAL A 97 -25.84 2.74 22.31
CA VAL A 97 -25.79 1.38 22.80
C VAL A 97 -27.19 0.78 22.87
N THR A 98 -27.27 -0.51 22.59
CA THR A 98 -28.48 -1.31 22.75
C THR A 98 -28.07 -2.47 23.65
N GLU A 99 -28.45 -2.42 24.91
CA GLU A 99 -28.02 -3.45 25.86
C GLU A 99 -28.87 -4.71 25.70
N ASN A 100 -28.22 -5.87 25.89
CA ASN A 100 -28.87 -7.18 26.06
C ASN A 100 -29.80 -7.51 24.89
N GLN A 101 -29.22 -7.64 23.72
CA GLN A 101 -30.02 -8.14 22.62
C GLN A 101 -30.16 -9.66 22.74
N MET A 102 -31.36 -10.17 22.48
CA MET A 102 -31.52 -11.62 22.41
C MET A 102 -32.33 -11.95 21.18
N GLN A 103 -32.06 -13.11 20.60
CA GLN A 103 -32.76 -13.52 19.39
C GLN A 103 -34.22 -13.74 19.71
N GLY A 104 -35.08 -12.96 19.07
CA GLY A 104 -36.50 -13.12 19.34
C GLY A 104 -37.41 -12.37 18.40
N PHE A 105 -38.59 -11.99 18.87
CA PHE A 105 -39.55 -11.31 18.02
C PHE A 105 -39.93 -9.98 18.64
N CYS A 106 -39.89 -8.92 17.84
CA CYS A 106 -40.10 -7.59 18.37
C CYS A 106 -40.31 -6.62 17.21
N PRO A 107 -40.98 -5.49 17.46
CA PRO A 107 -41.28 -4.54 16.38
C PRO A 107 -40.16 -3.59 16.07
N GLU A 108 -40.14 -3.12 14.82
CA GLU A 108 -39.17 -2.11 14.42
C GLU A 108 -39.52 -0.78 15.08
N SER A 109 -38.53 0.11 15.12
CA SER A 109 -38.69 1.34 15.84
C SER A 109 -38.68 2.58 14.96
N GLU A 110 -38.20 2.49 13.73
CA GLU A 110 -38.23 3.66 12.86
C GLU A 110 -39.65 3.91 12.36
N GLU A 111 -40.02 5.19 12.24
CA GLU A 111 -41.27 5.53 11.58
C GLU A 111 -41.26 5.07 10.13
N LYS A 112 -40.08 4.76 9.59
CA LYS A 112 -39.99 4.19 8.25
C LYS A 112 -40.72 2.85 8.15
N TYR A 113 -41.09 2.22 9.28
CA TYR A 113 -41.84 0.97 9.29
C TYR A 113 -43.25 1.13 9.86
N ARG A 114 -43.79 2.35 9.84
CA ARG A 114 -45.14 2.57 10.37
C ARG A 114 -46.16 1.76 9.58
N CYS A 115 -47.09 1.11 10.29
CA CYS A 115 -48.12 0.30 9.64
C CYS A 115 -49.44 0.38 10.38
N VAL A 116 -50.48 -0.13 9.71
CA VAL A 116 -51.78 -0.36 10.34
C VAL A 116 -52.33 -1.77 10.09
N SER A 117 -51.94 -2.47 9.01
CA SER A 117 -52.47 -3.78 8.71
C SER A 117 -51.34 -4.77 8.49
N ASP A 118 -51.62 -6.02 8.85
CA ASP A 118 -50.66 -7.11 8.72
C ASP A 118 -50.24 -7.36 7.28
N SER A 119 -51.01 -6.84 6.32
CA SER A 119 -50.73 -7.00 4.90
C SER A 119 -49.59 -6.10 4.43
N GLN A 120 -49.30 -5.02 5.13
CA GLN A 120 -48.21 -4.13 4.70
C GLN A 120 -46.84 -4.77 4.89
N CYS A 121 -46.70 -5.69 5.84
CA CYS A 121 -45.40 -6.27 6.18
C CYS A 121 -45.13 -7.51 5.33
N GLY A 122 -44.85 -7.30 4.06
CA GLY A 122 -44.59 -8.43 3.19
C GLY A 122 -43.10 -8.50 2.96
N PRO A 123 -42.66 -9.35 2.02
CA PRO A 123 -41.21 -9.46 1.74
C PRO A 123 -40.59 -8.30 0.96
N GLU A 124 -41.08 -7.06 1.14
CA GLU A 124 -40.64 -5.92 0.34
C GLU A 124 -39.43 -5.16 0.89
N ARG A 125 -39.42 -4.80 2.17
CA ARG A 125 -38.31 -4.02 2.73
C ARG A 125 -37.47 -5.02 3.51
N LEU A 126 -36.71 -5.86 2.79
CA LEU A 126 -35.99 -7.00 3.38
C LEU A 126 -34.81 -6.61 4.28
N PRO A 127 -33.94 -5.64 3.91
CA PRO A 127 -32.74 -5.41 4.74
C PRO A 127 -33.06 -4.79 6.09
N GLY A 128 -32.02 -4.56 6.89
CA GLY A 128 -32.19 -3.80 8.10
C GLY A 128 -32.84 -4.58 9.23
N GLY A 129 -32.36 -4.34 10.47
CA GLY A 129 -32.90 -4.95 11.67
C GLY A 129 -32.92 -6.46 11.58
N GLY A 130 -34.12 -7.03 11.45
CA GLY A 130 -34.20 -8.45 11.19
C GLY A 130 -34.96 -8.75 9.91
N ILE A 131 -35.73 -9.85 9.95
CA ILE A 131 -36.56 -10.25 8.83
C ILE A 131 -37.99 -10.04 9.26
N LEU A 132 -38.81 -9.49 8.38
CA LEU A 132 -40.21 -9.26 8.72
C LEU A 132 -40.92 -10.59 8.92
N THR A 133 -41.63 -10.76 10.05
CA THR A 133 -42.42 -11.96 10.25
C THR A 133 -43.74 -11.88 9.53
N GLY A 134 -44.08 -10.70 9.02
CA GLY A 134 -45.33 -10.50 8.34
C GLY A 134 -46.44 -9.87 9.15
N ARG A 135 -46.28 -9.74 10.46
CA ARG A 135 -47.34 -9.12 11.25
C ARG A 135 -47.08 -7.63 11.40
N CYS A 136 -48.12 -6.92 11.83
CA CYS A 136 -48.03 -5.52 12.19
C CYS A 136 -48.38 -5.45 13.67
N VAL A 137 -47.41 -5.01 14.48
CA VAL A 137 -47.49 -5.08 15.93
C VAL A 137 -47.31 -3.69 16.52
N ASN A 138 -47.94 -3.50 17.68
CA ASN A 138 -47.89 -2.25 18.42
C ASN A 138 -46.45 -2.03 18.92
N TYR A 139 -45.78 -0.99 18.44
CA TYR A 139 -44.46 -0.67 19.00
C TYR A 139 -44.56 0.28 20.18
N SER A 140 -45.51 1.22 20.12
CA SER A 140 -45.80 2.15 21.19
C SER A 140 -47.30 2.42 21.21
N SER A 141 -47.73 3.23 22.18
CA SER A 141 -49.12 3.64 22.28
C SER A 141 -49.57 4.50 21.11
N VAL A 142 -48.64 5.17 20.42
CA VAL A 142 -48.97 6.07 19.33
C VAL A 142 -48.61 5.48 17.95
N LEU A 143 -47.74 4.48 17.89
CA LEU A 143 -47.19 4.01 16.62
C LEU A 143 -47.34 2.50 16.48
N ARG A 144 -47.59 2.06 15.26
CA ARG A 144 -47.58 0.66 14.90
C ARG A 144 -46.56 0.44 13.78
N THR A 145 -45.71 -0.57 13.97
CA THR A 145 -44.67 -0.89 13.02
C THR A 145 -44.63 -2.39 12.82
N CYS A 146 -43.95 -2.81 11.77
CA CYS A 146 -43.88 -4.21 11.45
C CYS A 146 -43.00 -4.96 12.44
N GLU A 147 -43.31 -6.22 12.65
CA GLU A 147 -42.55 -7.06 13.55
C GLU A 147 -41.40 -7.74 12.82
N ILE A 148 -40.31 -8.00 13.54
CA ILE A 148 -39.18 -8.73 12.98
C ILE A 148 -38.69 -9.82 13.94
N GLN A 149 -38.18 -10.89 13.34
CA GLN A 149 -37.48 -11.97 14.02
C GLN A 149 -36.00 -11.65 13.88
N GLY A 150 -35.31 -11.64 15.01
CA GLY A 150 -33.91 -11.22 15.06
C GLY A 150 -33.52 -10.73 16.45
N TRP A 151 -32.45 -9.93 16.48
CA TRP A 151 -31.92 -9.43 17.75
C TRP A 151 -32.86 -8.39 18.36
N CYS A 152 -33.39 -8.71 19.53
CA CYS A 152 -34.43 -7.92 20.14
C CYS A 152 -34.03 -7.36 21.49
N PRO A 153 -34.48 -6.14 21.80
CA PRO A 153 -35.31 -5.24 20.97
C PRO A 153 -34.49 -4.56 19.90
N THR A 154 -35.07 -3.91 18.89
CA THR A 154 -34.26 -3.26 17.86
C THR A 154 -33.51 -2.04 18.41
N GLU A 155 -32.41 -1.71 17.73
CA GLU A 155 -31.69 -0.50 18.06
C GLU A 155 -32.51 0.72 17.67
N VAL A 156 -32.49 1.75 18.49
CA VAL A 156 -33.02 3.06 18.10
C VAL A 156 -31.86 3.94 17.58
N ASP A 157 -31.99 4.42 16.34
CA ASP A 157 -30.90 5.10 15.66
C ASP A 157 -30.83 6.60 15.99
N THR A 158 -31.85 7.16 16.62
CA THR A 158 -32.08 8.60 16.45
C THR A 158 -31.64 9.46 17.60
N VAL A 159 -31.78 9.00 18.83
CA VAL A 159 -31.55 9.90 19.94
C VAL A 159 -30.06 10.14 20.08
N GLU A 160 -29.66 11.40 20.04
CA GLU A 160 -28.24 11.68 20.10
C GLU A 160 -27.77 11.53 21.53
N THR A 161 -26.59 10.96 21.66
CA THR A 161 -25.92 10.67 22.91
C THR A 161 -24.74 11.61 23.04
N PRO A 162 -24.27 11.87 24.27
CA PRO A 162 -23.13 12.80 24.44
C PRO A 162 -21.83 12.19 23.96
N ILE A 163 -20.80 13.03 23.89
CA ILE A 163 -19.51 12.58 23.41
C ILE A 163 -18.52 12.57 24.55
N MET A 164 -17.47 11.76 24.40
CA MET A 164 -16.45 11.59 25.44
C MET A 164 -15.46 12.72 25.29
N MET A 165 -15.60 13.76 26.12
CA MET A 165 -14.73 14.93 26.00
C MET A 165 -13.26 14.57 26.25
N GLU A 166 -13.03 13.64 27.19
CA GLU A 166 -11.69 13.23 27.57
C GLU A 166 -10.88 12.73 26.38
N ALA A 167 -11.53 12.25 25.33
CA ALA A 167 -10.78 11.75 24.18
C ALA A 167 -9.87 12.83 23.59
N GLU A 168 -10.22 14.11 23.80
CA GLU A 168 -9.38 15.16 23.25
C GLU A 168 -7.97 15.07 23.80
N ASN A 169 -7.81 14.62 25.04
CA ASN A 169 -6.51 14.64 25.72
C ASN A 169 -5.81 13.29 25.68
N PHE A 170 -6.25 12.38 24.82
CA PHE A 170 -5.57 11.10 24.71
C PHE A 170 -4.22 11.32 23.99
N THR A 171 -3.35 10.32 24.06
CA THR A 171 -1.99 10.41 23.51
C THR A 171 -1.74 9.24 22.57
N ILE A 172 -1.24 9.55 21.38
CA ILE A 172 -0.95 8.52 20.40
C ILE A 172 0.56 8.38 20.25
N PHE A 173 1.09 7.20 20.57
CA PHE A 173 2.52 6.93 20.47
C PHE A 173 2.76 6.14 19.19
N ILE A 174 3.59 6.66 18.32
CA ILE A 174 3.88 6.02 17.04
C ILE A 174 5.30 5.48 17.11
N LYS A 175 5.51 4.28 16.58
CA LYS A 175 6.87 3.75 16.44
C LYS A 175 7.07 3.34 14.97
N ASN A 176 7.85 4.16 14.25
CA ASN A 176 8.01 4.04 12.81
C ASN A 176 9.44 3.66 12.47
N SER A 177 9.61 2.62 11.66
CA SER A 177 10.92 2.22 11.15
C SER A 177 10.93 2.29 9.62
N ILE A 178 11.92 3.02 9.07
CA ILE A 178 12.09 3.18 7.63
C ILE A 178 13.45 2.67 7.21
N ARG A 179 13.50 2.13 5.98
CA ARG A 179 14.67 1.48 5.43
C ARG A 179 14.69 1.71 3.93
N PHE A 180 15.83 2.20 3.43
CA PHE A 180 16.10 2.34 2.01
C PHE A 180 16.99 1.19 1.54
N PRO A 181 16.49 0.26 0.72
CA PRO A 181 17.29 -0.91 0.35
C PRO A 181 18.36 -0.57 -0.67
N LEU A 182 18.02 0.38 -1.54
CA LEU A 182 18.94 0.78 -2.60
C LEU A 182 20.25 1.27 -2.03
N PHE A 183 20.20 1.87 -0.83
CA PHE A 183 21.38 2.37 -0.14
C PHE A 183 21.66 1.63 1.16
N ASN A 184 20.84 0.65 1.52
CA ASN A 184 20.97 -0.14 2.75
C ASN A 184 21.16 0.80 3.97
N PHE A 185 20.20 1.69 4.12
CA PHE A 185 20.17 2.71 5.16
C PHE A 185 18.88 2.59 5.96
N GLU A 186 19.02 2.35 7.27
CA GLU A 186 17.89 2.17 8.16
C GLU A 186 17.83 3.33 9.15
N LYS A 187 16.64 3.83 9.43
CA LYS A 187 16.50 4.84 10.46
C LYS A 187 15.05 4.87 10.91
N GLY A 188 14.83 5.45 12.10
CA GLY A 188 13.51 5.46 12.71
C GLY A 188 13.19 6.83 13.29
N ASN A 189 11.91 7.00 13.61
CA ASN A 189 11.36 8.24 14.14
C ASN A 189 11.63 8.41 15.62
N LEU A 190 12.44 7.53 16.19
CA LEU A 190 12.93 7.60 17.57
C LEU A 190 14.41 7.97 17.48
N LEU A 191 14.69 9.22 17.75
CA LEU A 191 16.07 9.63 17.66
C LEU A 191 16.85 9.05 18.82
N PRO A 192 18.16 8.79 18.65
CA PRO A 192 18.91 8.13 19.73
C PRO A 192 19.02 8.99 20.94
N ASN A 193 18.77 10.28 20.80
CA ASN A 193 18.83 11.22 21.91
C ASN A 193 17.50 11.34 22.65
N LEU A 194 16.62 10.37 22.46
CA LEU A 194 15.34 10.34 23.13
C LEU A 194 15.47 9.59 24.45
N THR A 195 15.05 10.21 25.53
CA THR A 195 15.28 9.63 26.84
C THR A 195 13.98 9.08 27.40
N ALA A 196 14.12 8.26 28.42
CA ALA A 196 12.93 7.86 29.17
C ALA A 196 12.23 9.08 29.77
N ARG A 197 13.00 10.04 30.34
CA ARG A 197 12.38 11.23 30.96
C ARG A 197 11.63 12.05 29.91
N ASP A 198 12.22 12.26 28.72
CA ASP A 198 11.47 12.90 27.64
C ASP A 198 10.14 12.18 27.42
N MET A 199 10.20 10.87 27.17
CA MET A 199 8.99 10.11 26.94
C MET A 199 7.97 10.35 28.03
N LYS A 200 8.43 10.37 29.28
CA LYS A 200 7.55 10.57 30.43
C LYS A 200 6.87 11.91 30.34
N THR A 201 7.45 12.86 29.62
CA THR A 201 6.79 14.15 29.53
C THR A 201 6.58 14.70 28.13
N CYS A 202 7.08 14.04 27.08
CA CYS A 202 7.16 14.71 25.78
C CYS A 202 5.78 14.93 25.12
N ARG A 203 5.83 15.76 24.07
CA ARG A 203 4.80 16.71 23.72
C ARG A 203 4.94 16.91 22.22
N PHE A 204 4.06 16.42 21.36
CA PHE A 204 4.38 16.79 19.98
C PHE A 204 3.88 18.20 19.65
N HIS A 205 4.75 18.97 18.98
CA HIS A 205 4.46 20.34 18.56
C HIS A 205 5.32 20.73 17.38
N PRO A 206 4.77 21.40 16.36
CA PRO A 206 5.55 21.74 15.18
C PRO A 206 6.75 22.59 15.50
N ASP A 207 6.75 23.30 16.63
CA ASP A 207 7.88 24.16 16.97
C ASP A 207 8.64 23.65 18.18
N LYS A 208 7.99 23.49 19.31
CA LYS A 208 8.75 23.36 20.53
C LYS A 208 9.35 21.97 20.70
N ASP A 209 8.67 20.91 20.27
CA ASP A 209 9.23 19.57 20.27
C ASP A 209 8.69 18.83 19.07
N PRO A 210 9.37 18.96 17.94
CA PRO A 210 8.91 18.30 16.71
C PRO A 210 9.44 16.89 16.48
N PHE A 211 9.98 16.21 17.51
CA PHE A 211 10.33 14.81 17.32
C PHE A 211 9.67 13.86 18.29
N CYS A 212 8.91 14.37 19.25
CA CYS A 212 8.26 13.58 20.29
C CYS A 212 7.29 12.57 19.70
N PRO A 213 7.52 11.26 19.89
CA PRO A 213 6.61 10.27 19.29
C PRO A 213 5.21 10.35 19.85
N ILE A 214 4.98 11.24 20.79
CA ILE A 214 3.73 11.35 21.52
C ILE A 214 2.98 12.58 21.02
N LEU A 215 1.78 12.36 20.50
CA LEU A 215 0.95 13.37 19.86
C LEU A 215 -0.34 13.46 20.66
N ARG A 216 -0.76 14.67 21.00
CA ARG A 216 -2.09 14.81 21.60
C ARG A 216 -3.16 14.71 20.53
N VAL A 217 -4.21 13.92 20.82
CA VAL A 217 -5.31 13.79 19.86
C VAL A 217 -5.95 15.16 19.59
N GLY A 218 -6.25 15.91 20.64
CA GLY A 218 -6.85 17.23 20.46
C GLY A 218 -5.98 18.09 19.57
N ASP A 219 -4.66 17.96 19.73
CA ASP A 219 -3.70 18.64 18.86
C ASP A 219 -3.84 18.20 17.40
N VAL A 220 -3.90 16.89 17.18
CA VAL A 220 -4.00 16.40 15.82
C VAL A 220 -5.26 16.95 15.18
N VAL A 221 -6.36 16.97 15.93
CA VAL A 221 -7.63 17.51 15.45
C VAL A 221 -7.47 18.98 15.08
N LYS A 222 -6.76 19.75 15.91
CA LYS A 222 -6.51 21.15 15.57
C LYS A 222 -5.67 21.26 14.31
N PHE A 223 -4.65 20.41 14.19
CA PHE A 223 -3.74 20.49 13.06
C PHE A 223 -4.43 20.20 11.73
N ALA A 224 -5.45 19.36 11.70
CA ALA A 224 -6.17 19.23 10.44
C ALA A 224 -7.22 20.32 10.22
N GLY A 225 -7.29 21.32 11.10
CA GLY A 225 -8.32 22.34 11.03
C GLY A 225 -9.73 21.83 11.31
N GLN A 226 -9.87 21.02 12.37
CA GLN A 226 -11.15 20.43 12.75
C GLN A 226 -11.50 20.80 14.18
N ASP A 227 -12.79 20.99 14.43
CA ASP A 227 -13.27 21.28 15.77
C ASP A 227 -13.57 19.95 16.44
N PHE A 228 -12.85 19.66 17.53
CA PHE A 228 -12.99 18.37 18.18
C PHE A 228 -14.44 18.00 18.46
N ALA A 229 -15.25 18.97 18.89
CA ALA A 229 -16.64 18.69 19.22
C ALA A 229 -17.38 18.07 18.04
N LYS A 230 -17.28 18.71 16.87
CA LYS A 230 -18.01 18.22 15.71
C LYS A 230 -17.42 16.90 15.24
N LEU A 231 -16.11 16.75 15.29
CA LEU A 231 -15.50 15.50 14.85
C LEU A 231 -15.86 14.32 15.76
N ALA A 232 -15.87 14.53 17.08
CA ALA A 232 -16.28 13.46 17.99
C ALA A 232 -17.76 13.16 17.87
N ARG A 233 -18.57 14.12 17.42
CA ARG A 233 -19.99 13.85 17.20
C ARG A 233 -20.23 13.06 15.92
N THR A 234 -19.60 13.48 14.81
CA THR A 234 -19.89 12.86 13.52
C THR A 234 -18.99 11.67 13.20
N GLY A 235 -17.80 11.62 13.76
CA GLY A 235 -16.82 10.62 13.36
C GLY A 235 -16.12 11.05 12.09
N GLY A 236 -14.92 10.51 11.88
CA GLY A 236 -14.15 10.87 10.71
C GLY A 236 -12.84 10.15 10.72
N VAL A 237 -12.07 10.40 9.68
CA VAL A 237 -10.78 9.74 9.48
C VAL A 237 -9.71 10.83 9.36
N LEU A 238 -8.73 10.82 10.27
CA LEU A 238 -7.59 11.74 10.22
C LEU A 238 -6.32 10.97 9.90
N GLY A 239 -5.51 11.54 9.00
CA GLY A 239 -4.26 10.95 8.56
C GLY A 239 -3.06 11.63 9.14
N ILE A 240 -2.20 10.86 9.81
CA ILE A 240 -0.94 11.35 10.38
C ILE A 240 0.17 10.92 9.43
N LYS A 241 0.68 11.86 8.62
CA LYS A 241 1.66 11.52 7.58
C LYS A 241 3.09 11.72 8.09
N ILE A 242 3.96 10.75 7.80
CA ILE A 242 5.36 10.79 8.19
C ILE A 242 6.21 10.81 6.93
N GLY A 243 7.00 11.87 6.75
CA GLY A 243 7.86 12.02 5.59
C GLY A 243 9.35 11.83 5.90
N TRP A 244 10.00 11.02 5.07
CA TRP A 244 11.44 10.83 5.15
C TRP A 244 12.04 11.23 3.82
N VAL A 245 12.07 12.54 3.56
CA VAL A 245 12.73 13.08 2.38
C VAL A 245 14.16 13.42 2.81
N CYS A 246 15.13 12.63 2.37
CA CYS A 246 16.50 12.70 2.85
C CYS A 246 17.49 12.78 1.68
N ASP A 247 18.46 13.69 1.81
CA ASP A 247 19.56 13.84 0.86
C ASP A 247 20.74 13.12 1.52
N LEU A 248 20.94 11.85 1.15
CA LEU A 248 21.91 11.00 1.83
C LEU A 248 23.33 11.45 1.61
N ASP A 249 23.57 12.29 0.60
CA ASP A 249 24.88 12.93 0.49
C ASP A 249 25.16 13.78 1.72
N LYS A 250 24.11 14.27 2.40
CA LYS A 250 24.27 15.00 3.64
C LYS A 250 24.46 14.02 4.80
N ALA A 251 24.41 14.54 6.03
CA ALA A 251 24.78 13.77 7.21
C ALA A 251 23.74 12.70 7.56
N TRP A 252 24.22 11.63 8.20
CA TRP A 252 23.33 10.55 8.62
C TRP A 252 22.26 11.05 9.59
N ASP A 253 22.67 11.81 10.60
CA ASP A 253 21.72 12.40 11.54
C ASP A 253 20.93 13.58 10.94
N GLN A 254 20.94 13.82 9.63
CA GLN A 254 20.09 14.83 9.05
C GLN A 254 18.87 14.25 8.35
N CYS A 255 18.78 12.93 8.28
CA CYS A 255 17.61 12.26 7.74
C CYS A 255 16.52 12.30 8.79
N ILE A 256 15.56 13.22 8.63
CA ILE A 256 14.63 13.52 9.72
C ILE A 256 13.15 13.44 9.32
N PRO A 257 12.28 12.88 10.17
CA PRO A 257 10.89 12.68 9.78
C PRO A 257 10.03 13.92 10.00
N LYS A 258 9.23 14.24 8.99
CA LYS A 258 8.28 15.35 8.96
C LYS A 258 6.82 14.87 9.20
N TYR A 259 6.16 15.41 10.24
CA TYR A 259 4.78 15.04 10.56
C TYR A 259 3.85 16.07 9.92
N SER A 260 2.82 15.60 9.22
CA SER A 260 1.76 16.45 8.70
C SER A 260 0.40 15.84 9.00
N PHE A 261 -0.62 16.70 9.15
CA PHE A 261 -1.93 16.28 9.64
C PHE A 261 -3.04 16.76 8.72
N THR A 262 -3.94 15.83 8.39
CA THR A 262 -5.00 16.10 7.44
C THR A 262 -6.19 15.21 7.78
N ARG A 263 -7.34 15.58 7.23
CA ARG A 263 -8.52 14.75 7.35
C ARG A 263 -8.79 14.08 6.01
N LEU A 264 -8.90 12.76 6.04
CA LEU A 264 -8.96 12.00 4.80
C LEU A 264 -10.39 11.80 4.27
N ASP A 265 -11.39 11.66 5.15
CA ASP A 265 -12.78 11.50 4.75
C ASP A 265 -13.35 12.88 4.39
N SER A 266 -12.83 13.42 3.30
CA SER A 266 -13.16 14.81 2.97
C SER A 266 -14.62 14.94 2.56
N VAL A 267 -15.14 13.96 1.80
CA VAL A 267 -16.49 14.05 1.30
C VAL A 267 -17.49 14.21 2.43
N SER A 268 -17.12 13.81 3.64
CA SER A 268 -18.05 13.82 4.77
C SER A 268 -18.53 15.21 5.13
N GLU A 269 -17.65 16.20 5.12
CA GLU A 269 -18.18 17.51 5.42
C GLU A 269 -18.99 18.05 4.24
N LYS A 270 -18.57 17.73 3.02
CA LYS A 270 -19.24 18.13 1.79
C LYS A 270 -20.50 17.31 1.47
N SER A 271 -21.02 16.57 2.44
CA SER A 271 -22.17 15.71 2.20
C SER A 271 -23.21 15.97 3.28
N SER A 272 -24.46 16.09 2.86
CA SER A 272 -25.55 16.17 3.81
C SER A 272 -26.10 14.80 4.16
N VAL A 273 -25.68 13.77 3.43
CA VAL A 273 -26.20 12.42 3.57
C VAL A 273 -25.32 11.55 4.45
N SER A 274 -24.00 11.61 4.27
CA SER A 274 -23.07 10.79 5.04
C SER A 274 -22.04 11.69 5.68
N PRO A 275 -22.34 12.25 6.85
CA PRO A 275 -21.50 13.31 7.40
C PRO A 275 -20.30 12.89 8.24
N GLY A 276 -20.13 11.62 8.59
CA GLY A 276 -19.01 11.19 9.42
C GLY A 276 -18.63 9.75 9.22
N TYR A 277 -18.18 9.11 10.30
CA TYR A 277 -17.68 7.73 10.24
C TYR A 277 -18.11 7.03 11.53
N ASN A 278 -18.97 6.01 11.40
CA ASN A 278 -19.44 5.17 12.50
C ASN A 278 -19.60 3.74 12.00
N PHE A 279 -19.63 2.81 12.94
CA PHE A 279 -19.81 1.42 12.57
C PHE A 279 -20.43 0.70 13.76
N ARG A 280 -21.00 -0.49 13.53
CA ARG A 280 -21.77 -1.18 14.53
C ARG A 280 -21.14 -2.55 14.83
N PHE A 281 -21.07 -2.90 16.12
CA PHE A 281 -20.49 -4.19 16.53
C PHE A 281 -21.08 -4.61 17.86
N ALA A 282 -20.78 -5.84 18.28
CA ALA A 282 -21.46 -6.36 19.46
C ALA A 282 -20.55 -7.10 20.43
N LYS A 283 -20.75 -6.82 21.71
CA LYS A 283 -20.12 -7.60 22.77
C LYS A 283 -20.97 -8.85 22.99
N TYR A 284 -20.34 -10.00 22.84
CA TYR A 284 -21.04 -11.27 22.88
C TYR A 284 -20.91 -11.88 24.27
N TYR A 285 -22.05 -12.16 24.89
CA TYR A 285 -22.12 -12.85 26.18
C TYR A 285 -23.16 -13.97 26.15
N LYS A 286 -23.10 -14.83 27.18
CA LYS A 286 -24.17 -15.77 27.43
C LYS A 286 -24.23 -16.07 28.92
N MET A 287 -25.45 -16.34 29.38
CA MET A 287 -25.71 -16.53 30.81
C MET A 287 -25.03 -17.81 31.28
N GLU A 288 -25.23 -18.11 32.57
CA GLU A 288 -24.85 -19.42 33.06
C GLU A 288 -25.68 -20.46 32.31
N ASN A 289 -26.95 -20.13 32.07
CA ASN A 289 -27.73 -20.78 31.03
C ASN A 289 -27.09 -20.57 29.67
N GLY A 290 -27.26 -21.54 28.77
CA GLY A 290 -26.69 -21.50 27.42
C GLY A 290 -27.15 -20.32 26.56
N SER A 291 -28.13 -19.54 27.04
CA SER A 291 -28.79 -18.52 26.25
C SER A 291 -27.82 -17.40 25.86
N GLU A 292 -27.82 -16.98 24.60
CA GLU A 292 -26.87 -15.95 24.16
C GLU A 292 -27.54 -14.57 24.15
N TYR A 293 -26.78 -13.55 24.55
CA TYR A 293 -27.24 -12.18 24.47
C TYR A 293 -26.07 -11.29 24.17
N ARG A 294 -26.35 -10.12 23.60
CA ARG A 294 -25.27 -9.27 23.12
C ARG A 294 -25.59 -7.82 23.38
N THR A 295 -24.53 -7.03 23.48
CA THR A 295 -24.65 -5.58 23.55
C THR A 295 -24.20 -4.97 22.22
N LEU A 296 -25.09 -4.22 21.60
CA LEU A 296 -24.87 -3.67 20.28
C LEU A 296 -24.37 -2.24 20.38
N LEU A 297 -23.26 -1.97 19.70
CA LEU A 297 -22.64 -0.65 19.72
C LEU A 297 -22.61 -0.10 18.31
N LYS A 298 -23.28 1.02 18.11
CA LYS A 298 -23.02 1.87 16.96
C LYS A 298 -21.98 2.85 17.46
N ALA A 299 -20.75 2.75 16.93
CA ALA A 299 -19.62 3.51 17.45
C ALA A 299 -19.32 4.67 16.54
N PHE A 300 -19.19 5.84 17.13
CA PHE A 300 -18.66 7.02 16.44
C PHE A 300 -17.29 7.37 17.01
N GLY A 301 -16.29 7.52 16.14
CA GLY A 301 -14.97 7.86 16.60
C GLY A 301 -14.12 8.32 15.44
N ILE A 302 -12.88 8.70 15.78
CA ILE A 302 -11.91 9.18 14.82
C ILE A 302 -10.97 8.04 14.44
N ARG A 303 -10.85 7.75 13.15
CA ARG A 303 -9.87 6.81 12.65
C ARG A 303 -8.52 7.49 12.37
N PHE A 304 -7.44 6.82 12.77
CA PHE A 304 -6.09 7.31 12.51
C PHE A 304 -5.36 6.31 11.63
N ASP A 305 -4.94 6.77 10.45
CA ASP A 305 -4.00 6.01 9.63
C ASP A 305 -2.66 6.75 9.58
N VAL A 306 -1.62 6.09 10.07
CA VAL A 306 -0.26 6.60 9.94
C VAL A 306 0.21 6.23 8.55
N LEU A 307 0.48 7.25 7.74
CA LEU A 307 0.86 7.12 6.34
C LEU A 307 2.33 7.52 6.17
N VAL A 308 3.18 6.55 5.87
CA VAL A 308 4.62 6.77 5.74
C VAL A 308 5.01 6.68 4.27
N TYR A 309 5.56 7.77 3.73
CA TYR A 309 6.10 7.88 2.37
C TYR A 309 7.55 8.33 2.44
N GLY A 310 8.23 8.25 1.31
CA GLY A 310 9.57 8.75 1.30
C GLY A 310 10.26 8.61 -0.04
N ASN A 311 11.36 9.36 -0.16
CA ASN A 311 12.32 9.22 -1.24
C ASN A 311 13.65 9.77 -0.74
N ALA A 312 14.72 9.04 -1.00
CA ALA A 312 16.08 9.43 -0.62
C ALA A 312 16.96 9.48 -1.85
N GLY A 313 17.85 10.46 -1.87
CA GLY A 313 18.79 10.57 -2.96
C GLY A 313 20.22 10.47 -2.48
N LYS A 314 21.01 9.63 -3.15
CA LYS A 314 22.43 9.50 -2.85
C LYS A 314 23.21 9.56 -4.15
N PHE A 315 24.34 10.26 -4.10
CA PHE A 315 25.14 10.46 -5.30
C PHE A 315 25.63 9.14 -5.86
N ASN A 316 25.56 9.03 -7.17
CA ASN A 316 26.20 7.95 -7.89
C ASN A 316 26.78 8.54 -9.17
N ILE A 317 27.75 7.82 -9.74
CA ILE A 317 28.48 8.36 -10.87
C ILE A 317 27.68 8.25 -12.17
N ILE A 318 26.82 7.24 -12.32
CA ILE A 318 26.06 7.10 -13.57
C ILE A 318 25.14 8.28 -13.84
N PRO A 319 24.34 8.77 -12.89
CA PRO A 319 23.47 9.92 -13.22
C PRO A 319 24.25 11.16 -13.58
N THR A 320 25.37 11.43 -12.89
CA THR A 320 26.19 12.59 -13.21
C THR A 320 26.79 12.50 -14.61
N ILE A 321 27.31 11.31 -14.96
CA ILE A 321 27.86 11.07 -16.29
C ILE A 321 26.80 11.34 -17.34
N ILE A 322 25.62 10.74 -17.19
CA ILE A 322 24.63 10.95 -18.25
C ILE A 322 24.14 12.39 -18.27
N SER A 323 24.04 13.06 -17.12
CA SER A 323 23.57 14.45 -17.14
C SER A 323 24.59 15.35 -17.81
N SER A 324 25.86 15.13 -17.53
CA SER A 324 26.91 15.89 -18.20
C SER A 324 26.98 15.58 -19.70
N VAL A 325 26.73 14.32 -20.09
CA VAL A 325 26.67 13.96 -21.50
C VAL A 325 25.52 14.70 -22.18
N ALA A 326 24.35 14.70 -21.55
CA ALA A 326 23.20 15.42 -22.09
C ALA A 326 23.47 16.92 -22.14
N ALA A 327 24.19 17.44 -21.15
CA ALA A 327 24.56 18.85 -21.19
C ALA A 327 25.42 19.17 -22.41
N PHE A 328 26.49 18.40 -22.64
CA PHE A 328 27.36 18.66 -23.78
C PHE A 328 26.62 18.45 -25.08
N THR A 329 25.71 17.47 -25.13
CA THR A 329 24.92 17.30 -26.34
C THR A 329 23.90 18.42 -26.51
N SER A 330 23.59 19.15 -25.42
CA SER A 330 22.62 20.24 -25.47
C SER A 330 23.27 21.60 -25.69
N VAL A 331 24.58 21.72 -25.48
CA VAL A 331 25.23 23.01 -25.72
C VAL A 331 25.03 23.45 -27.16
N GLY A 332 24.86 22.50 -28.08
CA GLY A 332 24.72 22.88 -29.46
C GLY A 332 23.39 23.51 -29.78
N VAL A 333 22.39 23.38 -28.89
CA VAL A 333 21.02 23.73 -29.26
C VAL A 333 20.90 25.21 -29.62
N GLY A 334 21.68 26.09 -28.97
CA GLY A 334 21.57 27.51 -29.26
C GLY A 334 21.89 27.89 -30.70
N THR A 335 22.51 26.98 -31.46
CA THR A 335 22.91 27.27 -32.83
C THR A 335 21.72 27.48 -33.77
N VAL A 336 20.55 26.88 -33.52
CA VAL A 336 19.43 27.12 -34.44
C VAL A 336 18.96 28.56 -34.30
N LEU A 337 18.82 29.05 -33.06
CA LEU A 337 18.48 30.45 -32.84
C LEU A 337 19.55 31.37 -33.42
N CYS A 338 20.83 31.05 -33.17
CA CYS A 338 21.92 31.87 -33.66
C CYS A 338 22.00 31.85 -35.19
N ASP A 339 21.67 30.72 -35.81
CA ASP A 339 21.54 30.65 -37.26
C ASP A 339 20.51 31.64 -37.76
N ILE A 340 19.31 31.62 -37.18
CA ILE A 340 18.27 32.52 -37.66
C ILE A 340 18.68 33.98 -37.50
N ILE A 341 19.17 34.35 -36.32
CA ILE A 341 19.56 35.74 -36.06
C ILE A 341 20.64 36.18 -37.05
N LEU A 342 21.71 35.40 -37.16
CA LEU A 342 22.83 35.76 -38.03
C LEU A 342 22.41 35.77 -39.50
N LEU A 343 21.79 34.68 -39.96
CA LEU A 343 21.38 34.48 -41.35
C LEU A 343 20.18 35.32 -41.76
N ASN A 344 19.59 36.15 -40.88
CA ASN A 344 18.47 36.95 -41.37
C ASN A 344 18.38 38.37 -40.80
N PHE A 345 19.47 38.90 -40.20
CA PHE A 345 19.38 40.21 -39.55
C PHE A 345 20.67 41.04 -39.65
N LEU A 346 21.41 40.95 -40.77
CA LEU A 346 22.55 41.84 -41.03
C LEU A 346 22.62 42.39 -42.45
N LYS A 347 21.52 42.29 -43.22
CA LYS A 347 21.39 42.76 -44.61
C LYS A 347 22.30 42.00 -45.59
N GLY A 348 23.55 41.75 -45.16
CA GLY A 348 24.48 40.93 -45.93
C GLY A 348 24.36 39.46 -45.54
N ALA A 349 23.13 39.07 -45.13
CA ALA A 349 22.82 37.68 -44.82
C ALA A 349 23.21 36.77 -45.97
N ASP A 350 23.13 37.30 -47.20
CA ASP A 350 23.50 36.54 -48.39
C ASP A 350 24.97 36.11 -48.35
N GLN A 351 25.86 36.91 -47.74
CA GLN A 351 27.24 36.47 -47.59
C GLN A 351 27.31 35.16 -46.84
N TYR A 352 26.58 35.07 -45.73
CA TYR A 352 26.62 33.89 -44.88
C TYR A 352 25.88 32.72 -45.50
N LYS A 353 24.75 32.98 -46.17
CA LYS A 353 24.09 31.93 -46.94
C LYS A 353 25.02 31.34 -48.00
N ALA A 354 25.80 32.19 -48.69
CA ALA A 354 26.76 31.70 -49.69
C ALA A 354 27.93 30.97 -49.05
N LYS A 355 28.49 31.51 -47.96
CA LYS A 355 29.60 30.85 -47.26
C LYS A 355 29.18 29.50 -46.70
N LYS A 356 27.92 29.38 -46.29
CA LYS A 356 27.40 28.19 -45.62
C LYS A 356 26.71 27.25 -46.60
N PHE A 357 25.98 27.79 -47.58
CA PHE A 357 25.14 26.99 -48.45
C PHE A 357 25.76 26.89 -49.84
N GLU A 358 26.07 25.66 -50.25
CA GLU A 358 26.55 25.33 -51.59
C GLU A 358 25.40 24.61 -52.29
N GLU A 359 24.61 25.38 -53.03
CA GLU A 359 23.40 24.85 -53.61
C GLU A 359 23.76 23.75 -54.59
N VAL A 360 22.77 22.93 -54.95
CA VAL A 360 22.97 21.86 -55.92
C VAL A 360 21.68 21.77 -56.71
N ASN A 361 21.77 21.28 -57.95
CA ASN A 361 20.60 21.12 -58.78
C ASN A 361 20.86 19.99 -59.78
N GLU A 362 19.84 19.15 -59.98
CA GLU A 362 19.83 18.12 -61.04
C GLU A 362 18.46 17.43 -61.03
N PHE B 6 9.99 25.43 -51.22
CA PHE B 6 10.61 24.47 -52.14
C PHE B 6 10.99 23.17 -51.39
N PHE B 7 10.50 22.03 -51.88
CA PHE B 7 10.80 20.73 -51.28
C PHE B 7 12.26 20.39 -51.49
N THR B 8 13.11 20.86 -50.59
CA THR B 8 14.55 20.82 -50.74
C THR B 8 15.14 20.06 -49.58
N TYR B 9 16.18 19.26 -49.85
CA TYR B 9 16.83 18.51 -48.79
C TYR B 9 18.21 19.12 -48.47
N GLU B 10 18.40 19.56 -47.24
CA GLU B 10 19.70 20.04 -46.77
C GLU B 10 20.47 18.94 -46.06
N THR B 11 21.80 19.07 -46.06
CA THR B 11 22.79 18.17 -45.46
C THR B 11 24.17 18.83 -45.38
N PRO B 12 24.98 18.55 -44.35
CA PRO B 12 26.24 19.29 -44.17
C PRO B 12 27.39 18.69 -44.96
N LYS B 13 28.34 19.57 -45.30
CA LYS B 13 29.61 19.17 -45.90
C LYS B 13 30.60 18.70 -44.83
N VAL B 14 31.32 17.61 -45.13
CA VAL B 14 32.06 16.84 -44.14
C VAL B 14 33.50 16.62 -44.58
N ILE B 15 34.44 16.80 -43.64
CA ILE B 15 35.82 16.33 -43.79
C ILE B 15 35.84 14.83 -43.56
N VAL B 16 36.73 14.13 -44.27
CA VAL B 16 36.83 12.67 -44.13
C VAL B 16 38.30 12.29 -43.92
N VAL B 17 38.82 12.51 -42.71
CA VAL B 17 40.20 12.14 -42.41
C VAL B 17 40.38 10.64 -42.61
N LYS B 18 41.60 10.24 -42.98
CA LYS B 18 41.90 8.83 -43.20
C LYS B 18 43.17 8.40 -42.44
N SER B 19 43.57 9.13 -41.41
CA SER B 19 44.73 8.73 -40.62
C SER B 19 44.50 7.37 -39.97
N TRP B 20 45.50 6.48 -40.08
CA TRP B 20 45.37 5.16 -39.47
C TRP B 20 45.18 5.26 -37.96
N THR B 21 45.92 6.18 -37.31
CA THR B 21 45.85 6.34 -35.85
C THR B 21 44.46 6.77 -35.40
N ILE B 22 43.98 7.91 -35.92
CA ILE B 22 42.65 8.38 -35.53
C ILE B 22 41.56 7.43 -36.05
N GLY B 23 41.80 6.76 -37.17
CA GLY B 23 40.90 5.71 -37.63
C GLY B 23 40.67 4.61 -36.61
N ILE B 24 41.73 3.97 -36.10
CA ILE B 24 41.50 2.92 -35.10
C ILE B 24 41.05 3.51 -33.78
N ILE B 25 41.51 4.71 -33.39
CA ILE B 25 41.11 5.20 -32.07
C ILE B 25 39.62 5.55 -32.04
N ASN B 26 39.09 6.12 -33.14
CA ASN B 26 37.66 6.38 -33.18
C ASN B 26 36.87 5.09 -33.34
N ARG B 27 37.33 4.17 -34.20
CA ARG B 27 36.63 2.89 -34.33
C ARG B 27 36.59 2.12 -33.01
N VAL B 28 37.63 2.23 -32.18
CA VAL B 28 37.60 1.60 -30.87
C VAL B 28 36.61 2.30 -29.95
N VAL B 29 36.56 3.64 -29.99
CA VAL B 29 35.54 4.33 -29.20
C VAL B 29 34.15 3.90 -29.61
N GLN B 30 33.91 3.79 -30.91
CA GLN B 30 32.62 3.35 -31.42
C GLN B 30 32.32 1.90 -31.05
N LEU B 31 33.34 1.02 -31.10
CA LEU B 31 33.14 -0.36 -30.66
C LEU B 31 32.75 -0.42 -29.20
N LEU B 32 33.41 0.39 -28.36
CA LEU B 32 33.06 0.41 -26.95
C LEU B 32 31.65 0.91 -26.75
N ILE B 33 31.25 1.94 -27.51
CA ILE B 33 29.87 2.45 -27.44
C ILE B 33 28.87 1.40 -27.87
N ILE B 34 29.12 0.73 -29.01
CA ILE B 34 28.17 -0.27 -29.51
C ILE B 34 28.09 -1.46 -28.54
N SER B 35 29.23 -1.91 -28.00
CA SER B 35 29.21 -3.06 -27.08
C SER B 35 28.52 -2.69 -25.78
N TYR B 36 28.78 -1.48 -25.26
CA TYR B 36 28.07 -1.01 -24.07
C TYR B 36 26.57 -0.98 -24.31
N PHE B 37 26.14 -0.49 -25.48
CA PHE B 37 24.70 -0.42 -25.74
C PHE B 37 24.06 -1.80 -25.91
N VAL B 38 24.76 -2.75 -26.52
CA VAL B 38 24.16 -4.09 -26.65
C VAL B 38 24.16 -4.80 -25.30
N GLY B 39 25.28 -4.72 -24.59
CA GLY B 39 25.39 -5.43 -23.34
C GLY B 39 24.56 -4.81 -22.23
N TRP B 40 24.63 -3.48 -22.09
CA TRP B 40 23.92 -2.81 -20.99
C TRP B 40 22.46 -2.53 -21.34
N VAL B 41 22.23 -1.58 -22.25
CA VAL B 41 20.86 -1.12 -22.48
C VAL B 41 19.97 -2.26 -22.98
N PHE B 42 20.54 -3.19 -23.75
CA PHE B 42 19.70 -4.22 -24.34
C PHE B 42 19.67 -5.49 -23.48
N LEU B 43 20.84 -6.04 -23.15
CA LEU B 43 20.90 -7.29 -22.38
C LEU B 43 20.59 -7.07 -20.91
N HIS B 44 21.36 -6.23 -20.24
CA HIS B 44 21.20 -5.99 -18.80
C HIS B 44 19.91 -5.24 -18.46
N GLU B 45 19.82 -3.96 -18.82
CA GLU B 45 18.63 -3.18 -18.50
C GLU B 45 17.41 -3.57 -19.33
N LYS B 46 17.59 -4.47 -20.29
CA LYS B 46 16.48 -5.07 -21.05
C LYS B 46 15.49 -4.01 -21.54
N ALA B 47 16.01 -2.98 -22.22
CA ALA B 47 15.17 -1.90 -22.72
C ALA B 47 14.32 -2.30 -23.91
N TYR B 48 14.43 -3.55 -24.36
CA TYR B 48 13.64 -4.06 -25.47
C TYR B 48 12.26 -4.54 -25.05
N GLN B 49 11.89 -4.38 -23.78
CA GLN B 49 10.62 -4.89 -23.26
C GLN B 49 9.91 -3.85 -22.42
N VAL B 50 8.56 -3.95 -22.35
CA VAL B 50 7.74 -3.06 -21.53
C VAL B 50 7.63 -3.60 -20.12
N ARG B 51 7.70 -2.70 -19.15
CA ARG B 51 7.69 -3.01 -17.74
C ARG B 51 6.36 -2.59 -17.11
N ASP B 52 5.81 -3.43 -16.22
CA ASP B 52 4.67 -3.04 -15.39
C ASP B 52 5.00 -3.31 -13.93
N THR B 53 4.95 -2.26 -13.10
CA THR B 53 5.13 -2.40 -11.66
C THR B 53 3.83 -2.36 -10.88
N ALA B 54 2.73 -1.92 -11.51
CA ALA B 54 1.42 -1.87 -10.85
C ALA B 54 0.80 -3.28 -10.81
N ILE B 55 1.35 -4.08 -9.92
CA ILE B 55 0.92 -5.46 -9.74
C ILE B 55 -0.28 -5.49 -8.81
N GLU B 56 -1.24 -6.36 -9.11
CA GLU B 56 -2.36 -6.62 -8.21
C GLU B 56 -2.07 -7.90 -7.46
N SER B 57 -2.18 -7.87 -6.12
CA SER B 57 -1.87 -9.05 -5.32
C SER B 57 -2.90 -9.29 -4.23
N SER B 58 -2.99 -10.56 -3.82
CA SER B 58 -3.87 -10.99 -2.74
C SER B 58 -3.23 -12.11 -1.94
N VAL B 59 -3.20 -11.93 -0.61
CA VAL B 59 -2.58 -12.86 0.32
C VAL B 59 -3.65 -13.39 1.29
N VAL B 60 -3.61 -14.69 1.54
CA VAL B 60 -4.48 -15.34 2.53
C VAL B 60 -3.60 -16.26 3.40
N THR B 61 -3.63 -16.07 4.72
CA THR B 61 -2.73 -16.84 5.58
C THR B 61 -3.50 -17.70 6.55
N LYS B 62 -2.86 -18.77 7.01
CA LYS B 62 -3.44 -19.61 8.06
C LYS B 62 -2.32 -20.19 8.91
N VAL B 63 -2.36 -19.94 10.20
CA VAL B 63 -1.33 -20.42 11.12
C VAL B 63 -1.84 -21.68 11.80
N LYS B 64 -0.94 -22.62 12.06
CA LYS B 64 -1.29 -23.82 12.79
C LYS B 64 -0.19 -24.18 13.79
N GLY B 65 -0.60 -24.83 14.87
CA GLY B 65 0.24 -25.20 16.00
C GLY B 65 -0.54 -25.15 17.31
N SER B 66 0.03 -25.81 18.32
CA SER B 66 -0.56 -25.81 19.64
C SER B 66 0.53 -25.66 20.68
N GLY B 67 0.23 -24.92 21.75
CA GLY B 67 1.25 -24.61 22.73
C GLY B 67 0.68 -24.49 24.13
N LEU B 68 1.58 -24.49 25.10
CA LEU B 68 1.23 -24.41 26.51
C LEU B 68 1.46 -22.99 27.00
N TYR B 69 0.44 -22.41 27.66
CA TYR B 69 0.62 -21.08 28.26
C TYR B 69 -0.36 -20.88 29.39
N ALA B 70 0.14 -20.41 30.52
CA ALA B 70 -0.66 -20.22 31.74
C ALA B 70 -1.34 -21.53 32.14
N ASN B 71 -0.64 -22.64 31.89
CA ASN B 71 -1.11 -24.00 32.15
C ASN B 71 -2.38 -24.34 31.36
N ARG B 72 -2.54 -23.74 30.19
CA ARG B 72 -3.62 -24.07 29.28
C ARG B 72 -3.01 -24.39 27.93
N VAL B 73 -3.70 -25.18 27.14
CA VAL B 73 -3.27 -25.42 25.77
C VAL B 73 -3.93 -24.36 24.91
N MET B 74 -3.12 -23.68 24.11
CA MET B 74 -3.57 -22.62 23.22
C MET B 74 -3.49 -23.10 21.77
N ASP B 75 -4.55 -22.86 21.02
CA ASP B 75 -4.57 -23.12 19.58
C ASP B 75 -4.67 -21.80 18.81
N VAL B 76 -4.90 -21.94 17.50
CA VAL B 76 -4.89 -20.81 16.59
C VAL B 76 -5.88 -19.72 17.01
N SER B 77 -7.08 -20.12 17.43
CA SER B 77 -8.08 -19.14 17.82
C SER B 77 -7.68 -18.36 19.06
N ASP B 78 -6.69 -18.82 19.84
CA ASP B 78 -6.26 -18.06 21.01
C ASP B 78 -5.26 -16.99 20.67
N TYR B 79 -4.21 -17.36 19.93
CA TYR B 79 -3.01 -16.53 19.85
C TYR B 79 -2.81 -15.82 18.53
N VAL B 80 -3.67 -16.02 17.54
CA VAL B 80 -3.51 -15.32 16.27
C VAL B 80 -4.46 -14.14 16.30
N THR B 81 -3.95 -12.97 15.94
CA THR B 81 -4.78 -11.80 15.98
C THR B 81 -4.30 -10.77 14.99
N PRO B 82 -5.21 -10.12 14.26
CA PRO B 82 -6.61 -10.52 14.20
C PRO B 82 -6.70 -11.83 13.37
N PRO B 83 -7.85 -12.52 13.35
CA PRO B 83 -7.85 -13.89 12.84
C PRO B 83 -8.24 -14.07 11.40
N GLN B 84 -8.69 -13.04 10.70
CA GLN B 84 -9.23 -13.26 9.36
C GLN B 84 -8.18 -13.67 8.33
N GLY B 85 -6.92 -13.84 8.71
CA GLY B 85 -5.91 -14.41 7.82
C GLY B 85 -5.52 -13.52 6.65
N THR B 86 -5.23 -12.25 6.96
CA THR B 86 -4.88 -11.24 5.97
C THR B 86 -3.36 -11.20 5.82
N SER B 87 -2.86 -10.20 5.11
CA SER B 87 -1.41 -10.16 5.02
C SER B 87 -0.76 -9.76 6.33
N VAL B 88 -1.51 -9.40 7.37
CA VAL B 88 -0.93 -9.04 8.67
C VAL B 88 -1.57 -9.90 9.76
N PHE B 89 -0.74 -10.57 10.54
CA PHE B 89 -1.25 -11.27 11.69
C PHE B 89 -0.15 -11.34 12.72
N VAL B 90 -0.57 -11.59 13.97
CA VAL B 90 0.33 -11.68 15.10
C VAL B 90 0.15 -13.04 15.73
N ILE B 91 1.25 -13.65 16.13
CA ILE B 91 1.23 -14.88 16.91
C ILE B 91 1.65 -14.48 18.32
N ILE B 92 0.70 -14.40 19.24
CA ILE B 92 1.06 -13.94 20.57
C ILE B 92 1.98 -14.96 21.20
N THR B 93 3.08 -14.47 21.75
CA THR B 93 4.09 -15.32 22.36
C THR B 93 4.20 -15.10 23.85
N LYS B 94 3.63 -14.02 24.38
CA LYS B 94 3.74 -13.68 25.78
C LYS B 94 2.48 -12.91 26.18
N MET B 95 1.97 -13.17 27.39
CA MET B 95 0.78 -12.51 27.88
C MET B 95 0.93 -12.15 29.35
N ILE B 96 0.58 -10.91 29.67
CA ILE B 96 0.47 -10.46 31.04
C ILE B 96 -1.00 -10.24 31.34
N VAL B 97 -1.54 -11.12 32.16
CA VAL B 97 -2.97 -11.26 32.32
C VAL B 97 -3.39 -10.58 33.59
N THR B 98 -4.53 -9.90 33.55
CA THR B 98 -5.12 -9.26 34.71
C THR B 98 -6.55 -9.78 34.83
N GLU B 99 -6.77 -10.75 35.72
CA GLU B 99 -8.03 -11.46 35.74
C GLU B 99 -9.10 -10.66 36.48
N ASN B 100 -10.32 -10.72 35.99
CA ASN B 100 -11.48 -10.30 36.78
C ASN B 100 -11.38 -8.85 37.24
N GLN B 101 -11.22 -7.95 36.29
CA GLN B 101 -11.31 -6.54 36.58
C GLN B 101 -12.78 -6.13 36.64
N MET B 102 -13.11 -5.25 37.57
CA MET B 102 -14.45 -4.71 37.62
C MET B 102 -14.36 -3.21 37.82
N GLN B 103 -15.40 -2.51 37.40
CA GLN B 103 -15.44 -1.06 37.50
C GLN B 103 -15.43 -0.63 38.99
N GLY B 104 -14.37 0.07 39.41
CA GLY B 104 -14.31 0.53 40.80
C GLY B 104 -13.20 1.45 41.27
N PHE B 105 -12.89 1.39 42.58
CA PHE B 105 -11.85 2.21 43.21
C PHE B 105 -10.75 1.31 43.76
N CYS B 106 -9.51 1.72 43.47
CA CYS B 106 -8.31 0.99 43.88
C CYS B 106 -7.10 1.88 43.57
N PRO B 107 -5.97 1.64 44.23
CA PRO B 107 -4.76 2.43 43.96
C PRO B 107 -3.92 1.92 42.79
N GLU B 108 -3.16 2.83 42.20
CA GLU B 108 -2.30 2.46 41.09
C GLU B 108 -1.20 1.50 41.51
N SER B 109 -0.64 0.81 40.51
CA SER B 109 0.36 -0.23 40.77
C SER B 109 1.73 0.11 40.24
N GLU B 110 1.85 1.05 39.31
CA GLU B 110 3.19 1.49 38.92
C GLU B 110 3.72 2.42 39.99
N GLU B 111 5.02 2.30 40.28
CA GLU B 111 5.59 3.19 41.27
C GLU B 111 5.48 4.65 40.86
N LYS B 112 5.23 4.92 39.57
CA LYS B 112 5.08 6.28 39.03
C LYS B 112 3.98 7.08 39.73
N TYR B 113 3.20 6.45 40.59
CA TYR B 113 2.11 7.12 41.28
C TYR B 113 2.35 7.25 42.77
N ARG B 114 3.62 7.19 43.20
CA ARG B 114 3.94 7.22 44.63
C ARG B 114 3.40 8.47 45.34
N CYS B 115 2.85 8.27 46.52
CA CYS B 115 2.40 9.39 47.33
C CYS B 115 2.54 9.09 48.81
N VAL B 116 2.41 10.14 49.60
CA VAL B 116 2.19 10.06 51.03
C VAL B 116 1.03 10.92 51.49
N SER B 117 0.64 11.94 50.73
CA SER B 117 -0.45 12.83 51.11
C SER B 117 -1.46 12.93 49.97
N ASP B 118 -2.75 13.11 50.34
CA ASP B 118 -3.79 13.30 49.33
C ASP B 118 -3.58 14.57 48.51
N SER B 119 -2.74 15.48 48.96
CA SER B 119 -2.55 16.67 48.16
C SER B 119 -1.77 16.39 46.89
N GLN B 120 -0.97 15.31 46.85
CA GLN B 120 -0.22 14.99 45.64
C GLN B 120 -1.10 14.37 44.53
N CYS B 121 -2.18 13.67 44.87
CA CYS B 121 -3.00 13.04 43.81
C CYS B 121 -4.07 14.03 43.37
N GLY B 122 -3.64 15.05 42.67
CA GLY B 122 -4.57 16.05 42.20
C GLY B 122 -4.70 15.98 40.70
N PRO B 123 -5.40 16.95 40.12
CA PRO B 123 -5.53 16.98 38.64
C PRO B 123 -4.25 17.40 37.95
N GLU B 124 -3.11 17.07 38.58
CA GLU B 124 -1.82 17.47 38.05
C GLU B 124 -1.33 16.46 37.01
N ARG B 125 -1.40 15.17 37.35
CA ARG B 125 -0.91 14.09 36.49
C ARG B 125 -2.14 13.45 35.85
N LEU B 126 -2.69 14.16 34.86
CA LEU B 126 -4.01 13.76 34.35
C LEU B 126 -4.05 12.39 33.68
N PRO B 127 -3.05 11.96 32.87
CA PRO B 127 -3.24 10.73 32.09
C PRO B 127 -3.15 9.46 32.93
N GLY B 128 -3.36 8.32 32.28
CA GLY B 128 -3.13 7.02 32.88
C GLY B 128 -4.23 6.44 33.75
N GLY B 129 -4.40 5.11 33.63
CA GLY B 129 -5.32 4.28 34.39
C GLY B 129 -6.81 4.55 34.39
N GLY B 130 -7.29 5.10 35.50
CA GLY B 130 -8.65 5.58 35.62
C GLY B 130 -8.60 7.06 35.99
N ILE B 131 -9.49 7.50 36.88
CA ILE B 131 -9.53 8.90 37.29
C ILE B 131 -8.98 8.95 38.70
N LEU B 132 -8.11 9.92 38.96
CA LEU B 132 -7.55 10.02 40.30
C LEU B 132 -8.65 10.35 41.28
N THR B 133 -8.74 9.59 42.36
CA THR B 133 -9.80 9.91 43.29
C THR B 133 -9.49 11.11 44.14
N GLY B 134 -8.22 11.54 44.19
CA GLY B 134 -7.84 12.60 45.07
C GLY B 134 -7.31 12.15 46.41
N ARG B 135 -7.46 10.87 46.73
CA ARG B 135 -6.92 10.30 47.95
C ARG B 135 -5.61 9.56 47.66
N CYS B 136 -4.87 9.29 48.73
CA CYS B 136 -3.62 8.53 48.65
C CYS B 136 -3.76 7.29 49.51
N VAL B 137 -3.64 6.11 48.90
CA VAL B 137 -3.95 4.89 49.63
C VAL B 137 -2.78 3.92 49.55
N ASN B 138 -2.65 3.08 50.58
CA ASN B 138 -1.57 2.11 50.66
C ASN B 138 -1.73 1.09 49.55
N TYR B 139 -0.73 1.00 48.67
CA TYR B 139 -0.70 -0.08 47.68
C TYR B 139 0.04 -1.30 48.20
N SER B 140 1.00 -1.09 49.08
CA SER B 140 1.70 -2.16 49.75
C SER B 140 1.97 -1.73 51.19
N SER B 141 2.50 -2.66 52.00
CA SER B 141 2.84 -2.34 53.37
C SER B 141 3.97 -1.31 53.44
N VAL B 142 4.77 -1.22 52.40
CA VAL B 142 5.88 -0.29 52.38
C VAL B 142 5.66 0.89 51.44
N LEU B 143 4.70 0.81 50.50
CA LEU B 143 4.51 1.82 49.47
C LEU B 143 3.06 2.29 49.40
N ARG B 144 2.87 3.58 49.18
CA ARG B 144 1.56 4.20 48.98
C ARG B 144 1.51 4.87 47.62
N THR B 145 0.39 4.69 46.89
CA THR B 145 0.20 5.26 45.55
C THR B 145 -1.16 5.92 45.48
N CYS B 146 -1.38 6.65 44.38
CA CYS B 146 -2.64 7.34 44.18
C CYS B 146 -3.76 6.38 43.79
N GLU B 147 -4.97 6.65 44.30
CA GLU B 147 -6.12 5.81 44.01
C GLU B 147 -6.76 6.32 42.75
N ILE B 148 -7.26 5.39 41.96
CA ILE B 148 -7.97 5.74 40.74
C ILE B 148 -9.31 5.01 40.68
N GLN B 149 -10.24 5.63 39.95
CA GLN B 149 -11.53 5.07 39.62
C GLN B 149 -11.45 4.48 38.22
N GLY B 150 -11.81 3.21 38.11
CA GLY B 150 -11.69 2.51 36.85
C GLY B 150 -11.57 1.02 37.10
N TRP B 151 -11.04 0.32 36.11
CA TRP B 151 -10.95 -1.14 36.18
C TRP B 151 -9.95 -1.57 37.22
N CYS B 152 -10.42 -2.30 38.25
CA CYS B 152 -9.72 -2.74 39.44
C CYS B 152 -9.70 -4.26 39.58
N PRO B 153 -8.61 -4.83 40.15
CA PRO B 153 -7.41 -4.11 40.57
C PRO B 153 -6.62 -3.83 39.30
N THR B 154 -5.71 -2.85 39.33
CA THR B 154 -4.95 -2.49 38.13
C THR B 154 -3.95 -3.57 37.75
N GLU B 155 -3.60 -3.54 36.48
CA GLU B 155 -2.64 -4.50 35.98
C GLU B 155 -1.25 -4.14 36.45
N VAL B 156 -0.42 -5.16 36.71
CA VAL B 156 1.03 -4.96 36.92
C VAL B 156 1.82 -5.29 35.65
N ASP B 157 2.59 -4.31 35.21
CA ASP B 157 3.34 -4.32 33.99
C ASP B 157 4.68 -5.00 34.20
N THR B 158 5.04 -5.26 35.45
CA THR B 158 6.42 -5.44 35.88
C THR B 158 6.85 -6.89 36.06
N VAL B 159 5.96 -7.77 36.47
CA VAL B 159 6.39 -9.14 36.78
C VAL B 159 6.63 -9.88 35.47
N GLU B 160 7.81 -10.51 35.37
CA GLU B 160 8.15 -11.18 34.13
C GLU B 160 7.49 -12.53 34.07
N THR B 161 6.91 -12.82 32.92
CA THR B 161 6.20 -14.03 32.62
C THR B 161 7.01 -14.85 31.63
N PRO B 162 6.86 -16.15 31.60
CA PRO B 162 7.57 -16.96 30.60
C PRO B 162 6.95 -16.79 29.23
N ILE B 163 7.53 -17.38 28.20
CA ILE B 163 7.00 -17.28 26.86
C ILE B 163 6.54 -18.65 26.38
N MET B 164 5.75 -18.62 25.30
CA MET B 164 5.19 -19.83 24.70
C MET B 164 6.24 -20.41 23.77
N MET B 165 6.99 -21.37 24.30
CA MET B 165 8.09 -21.95 23.53
C MET B 165 7.57 -22.66 22.29
N GLU B 166 6.45 -23.35 22.42
CA GLU B 166 5.87 -24.06 21.28
C GLU B 166 5.65 -23.14 20.10
N ALA B 167 5.56 -21.81 20.32
CA ALA B 167 5.31 -20.90 19.22
C ALA B 167 6.38 -21.01 18.14
N GLU B 168 7.59 -21.44 18.52
CA GLU B 168 8.67 -21.62 17.55
C GLU B 168 8.32 -22.65 16.47
N ASN B 169 7.53 -23.67 16.81
CA ASN B 169 7.25 -24.78 15.92
C ASN B 169 5.93 -24.62 15.18
N PHE B 170 5.32 -23.43 15.22
CA PHE B 170 4.06 -23.22 14.50
C PHE B 170 4.32 -23.14 12.99
N THR B 171 3.25 -23.28 12.21
CA THR B 171 3.35 -23.26 10.76
C THR B 171 2.45 -22.16 10.20
N ILE B 172 3.02 -21.32 9.33
CA ILE B 172 2.30 -20.25 8.64
C ILE B 172 2.17 -20.64 7.17
N PHE B 173 0.93 -20.73 6.68
CA PHE B 173 0.67 -21.07 5.28
C PHE B 173 0.29 -19.82 4.51
N ILE B 174 1.04 -19.53 3.46
CA ILE B 174 0.80 -18.36 2.63
C ILE B 174 0.25 -18.82 1.29
N LYS B 175 -0.80 -18.15 0.84
CA LYS B 175 -1.42 -18.38 -0.46
C LYS B 175 -1.47 -17.03 -1.17
N ASN B 176 -0.58 -16.82 -2.13
CA ASN B 176 -0.44 -15.53 -2.79
C ASN B 176 -0.83 -15.62 -4.24
N SER B 177 -1.70 -14.71 -4.66
CA SER B 177 -2.09 -14.58 -6.05
C SER B 177 -1.58 -13.21 -6.54
N ILE B 178 -0.88 -13.21 -7.67
CA ILE B 178 -0.36 -11.99 -8.30
C ILE B 178 -0.95 -11.88 -9.70
N ARG B 179 -1.07 -10.63 -10.12
CA ARG B 179 -1.70 -10.28 -11.39
C ARG B 179 -0.97 -9.06 -11.91
N PHE B 180 -0.45 -9.17 -13.14
CA PHE B 180 0.10 -8.04 -13.86
C PHE B 180 -0.95 -7.60 -14.85
N PRO B 181 -1.60 -6.45 -14.67
CA PRO B 181 -2.73 -6.09 -15.55
C PRO B 181 -2.29 -5.61 -16.93
N LEU B 182 -1.13 -4.94 -17.01
CA LEU B 182 -0.63 -4.47 -18.30
C LEU B 182 -0.40 -5.63 -19.26
N PHE B 183 -0.09 -6.82 -18.74
CA PHE B 183 0.07 -8.00 -19.58
C PHE B 183 -0.99 -9.04 -19.30
N ASN B 184 -1.92 -8.76 -18.39
CA ASN B 184 -3.04 -9.66 -18.04
C ASN B 184 -2.56 -11.09 -17.77
N PHE B 185 -1.61 -11.20 -16.85
CA PHE B 185 -0.92 -12.45 -16.55
C PHE B 185 -1.09 -12.73 -15.06
N GLU B 186 -1.75 -13.83 -14.74
CA GLU B 186 -2.05 -14.22 -13.37
C GLU B 186 -1.30 -15.49 -13.02
N LYS B 187 -0.84 -15.56 -11.78
CA LYS B 187 -0.29 -16.81 -11.27
C LYS B 187 -0.30 -16.74 -9.76
N GLY B 188 -0.09 -17.90 -9.13
CA GLY B 188 -0.05 -17.98 -7.68
C GLY B 188 1.15 -18.80 -7.26
N ASN B 189 1.51 -18.64 -5.98
CA ASN B 189 2.69 -19.29 -5.41
C ASN B 189 2.46 -20.75 -5.07
N LEU B 190 1.33 -21.33 -5.51
CA LEU B 190 1.00 -22.74 -5.37
C LEU B 190 1.08 -23.33 -6.76
N LEU B 191 2.18 -24.02 -7.07
CA LEU B 191 2.34 -24.58 -8.40
C LEU B 191 1.37 -25.74 -8.59
N PRO B 192 0.94 -26.02 -9.83
CA PRO B 192 -0.09 -27.04 -10.04
C PRO B 192 0.35 -28.46 -9.68
N ASN B 193 1.66 -28.71 -9.56
CA ASN B 193 2.21 -30.00 -9.18
C ASN B 193 2.39 -30.14 -7.67
N LEU B 194 1.66 -29.35 -6.89
CA LEU B 194 1.63 -29.44 -5.44
C LEU B 194 0.56 -30.43 -4.98
N THR B 195 0.95 -31.40 -4.16
CA THR B 195 0.06 -32.48 -3.75
C THR B 195 -0.40 -32.29 -2.31
N ALA B 196 -1.46 -33.00 -1.96
CA ALA B 196 -1.86 -33.03 -0.57
C ALA B 196 -0.74 -33.60 0.29
N ARG B 197 -0.06 -34.64 -0.21
CA ARG B 197 1.03 -35.25 0.54
C ARG B 197 2.13 -34.23 0.81
N ASP B 198 2.46 -33.45 -0.22
CA ASP B 198 3.40 -32.36 -0.07
C ASP B 198 2.98 -31.44 1.08
N MET B 199 1.77 -30.89 0.98
CA MET B 199 1.25 -29.98 2.01
C MET B 199 1.36 -30.58 3.40
N LYS B 200 1.01 -31.86 3.54
CA LYS B 200 1.05 -32.51 4.86
C LYS B 200 2.46 -32.65 5.38
N THR B 201 3.46 -32.78 4.52
CA THR B 201 4.80 -33.01 5.03
C THR B 201 5.84 -32.01 4.55
N CYS B 202 5.51 -31.08 3.65
CA CYS B 202 6.53 -30.23 3.03
C CYS B 202 7.15 -29.28 4.06
N ARG B 203 8.27 -28.70 3.66
CA ARG B 203 9.13 -27.99 4.58
C ARG B 203 9.80 -26.88 3.79
N PHE B 204 9.49 -25.63 4.09
CA PHE B 204 10.14 -24.56 3.34
C PHE B 204 11.59 -24.45 3.81
N HIS B 205 12.47 -24.21 2.84
CA HIS B 205 13.88 -23.96 2.97
C HIS B 205 14.26 -23.12 1.76
N PRO B 206 15.07 -22.08 1.95
CA PRO B 206 15.43 -21.22 0.80
C PRO B 206 16.13 -21.98 -0.32
N ASP B 207 16.71 -23.14 -0.02
CA ASP B 207 17.46 -23.90 -1.01
C ASP B 207 16.81 -25.23 -1.37
N LYS B 208 16.44 -26.03 -0.37
CA LYS B 208 16.03 -27.40 -0.67
C LYS B 208 14.60 -27.49 -1.23
N ASP B 209 13.68 -26.68 -0.69
CA ASP B 209 12.29 -26.64 -1.17
C ASP B 209 11.81 -25.20 -1.05
N PRO B 210 12.05 -24.39 -2.09
CA PRO B 210 11.64 -22.99 -2.04
C PRO B 210 10.21 -22.73 -2.47
N PHE B 211 9.38 -23.76 -2.55
CA PHE B 211 8.01 -23.58 -3.00
C PHE B 211 6.96 -24.15 -2.05
N CYS B 212 7.39 -24.86 -1.01
CA CYS B 212 6.50 -25.35 0.02
C CYS B 212 5.84 -24.15 0.71
N PRO B 213 4.51 -23.98 0.61
CA PRO B 213 3.86 -22.78 1.17
C PRO B 213 3.88 -22.73 2.67
N ILE B 214 4.51 -23.72 3.32
CA ILE B 214 4.50 -23.87 4.77
C ILE B 214 5.85 -23.40 5.30
N LEU B 215 5.81 -22.40 6.18
CA LEU B 215 7.01 -21.80 6.77
C LEU B 215 6.97 -22.00 8.28
N ARG B 216 8.01 -22.59 8.83
CA ARG B 216 8.11 -22.75 10.26
C ARG B 216 8.41 -21.38 10.87
N VAL B 217 7.66 -21.00 11.90
CA VAL B 217 7.88 -19.69 12.49
C VAL B 217 9.32 -19.57 12.97
N GLY B 218 9.86 -20.63 13.56
CA GLY B 218 11.27 -20.60 13.96
C GLY B 218 12.19 -20.35 12.78
N ASP B 219 11.88 -20.96 11.63
CA ASP B 219 12.64 -20.71 10.40
C ASP B 219 12.55 -19.25 10.00
N VAL B 220 11.35 -18.67 10.05
CA VAL B 220 11.18 -17.24 9.71
C VAL B 220 11.95 -16.36 10.68
N VAL B 221 11.95 -16.68 11.96
CA VAL B 221 12.74 -15.92 12.92
C VAL B 221 14.23 -16.02 12.60
N LYS B 222 14.68 -17.23 12.23
CA LYS B 222 16.11 -17.43 11.93
C LYS B 222 16.53 -16.65 10.68
N PHE B 223 15.73 -16.73 9.61
CA PHE B 223 16.06 -16.07 8.36
C PHE B 223 16.09 -14.55 8.51
N ALA B 224 15.24 -13.98 9.33
CA ALA B 224 15.33 -12.55 9.55
C ALA B 224 16.46 -12.20 10.49
N GLY B 225 17.30 -13.16 10.82
CA GLY B 225 18.45 -12.95 11.71
C GLY B 225 18.07 -12.56 13.12
N GLN B 226 17.06 -13.21 13.68
CA GLN B 226 16.54 -12.88 14.99
C GLN B 226 16.56 -14.13 15.85
N ASP B 227 16.73 -13.91 17.16
CA ASP B 227 16.73 -14.98 18.13
C ASP B 227 15.34 -15.14 18.69
N PHE B 228 14.80 -16.35 18.55
CA PHE B 228 13.41 -16.57 18.94
C PHE B 228 13.13 -16.14 20.38
N ALA B 229 14.07 -16.41 21.28
CA ALA B 229 13.84 -16.07 22.67
C ALA B 229 13.59 -14.57 22.83
N LYS B 230 14.49 -13.74 22.30
CA LYS B 230 14.35 -12.30 22.50
C LYS B 230 13.15 -11.76 21.74
N LEU B 231 12.94 -12.22 20.51
CA LEU B 231 11.79 -11.73 19.78
C LEU B 231 10.54 -12.05 20.56
N ALA B 232 10.45 -13.28 21.03
CA ALA B 232 9.29 -13.77 21.77
C ALA B 232 9.13 -13.12 23.14
N ARG B 233 10.21 -12.65 23.74
CA ARG B 233 10.08 -11.94 25.01
C ARG B 233 9.60 -10.51 24.78
N THR B 234 10.19 -9.84 23.80
CA THR B 234 9.95 -8.42 23.54
C THR B 234 8.84 -8.15 22.55
N GLY B 235 8.60 -9.05 21.60
CA GLY B 235 7.69 -8.77 20.52
C GLY B 235 8.38 -7.98 19.43
N GLY B 236 7.80 -8.05 18.24
CA GLY B 236 8.40 -7.37 17.11
C GLY B 236 7.62 -7.65 15.84
N VAL B 237 8.12 -7.11 14.73
CA VAL B 237 7.51 -7.22 13.41
C VAL B 237 8.54 -7.85 12.49
N LEU B 238 8.18 -8.94 11.85
CA LEU B 238 9.01 -9.52 10.80
C LEU B 238 8.29 -9.35 9.46
N GLY B 239 9.06 -9.06 8.41
CA GLY B 239 8.46 -8.95 7.09
C GLY B 239 8.79 -10.13 6.20
N ILE B 240 7.75 -10.78 5.66
CA ILE B 240 7.91 -11.86 4.69
C ILE B 240 7.61 -11.25 3.32
N LYS B 241 8.63 -10.96 2.54
CA LYS B 241 8.41 -10.31 1.25
C LYS B 241 8.32 -11.36 0.15
N ILE B 242 7.36 -11.18 -0.76
CA ILE B 242 7.16 -12.07 -1.91
C ILE B 242 7.40 -11.26 -3.18
N GLY B 243 8.44 -11.62 -3.93
CA GLY B 243 8.86 -10.90 -5.13
C GLY B 243 8.56 -11.67 -6.40
N TRP B 244 8.02 -10.97 -7.40
CA TRP B 244 7.71 -11.52 -8.72
C TRP B 244 8.44 -10.77 -9.85
N VAL B 245 9.74 -11.02 -9.98
CA VAL B 245 10.55 -10.47 -11.07
C VAL B 245 10.54 -11.50 -12.18
N CYS B 246 9.76 -11.23 -13.23
CA CYS B 246 9.51 -12.23 -14.24
C CYS B 246 9.73 -11.65 -15.63
N ASP B 247 10.55 -12.33 -16.42
CA ASP B 247 10.80 -12.00 -17.82
C ASP B 247 9.96 -12.95 -18.67
N LEU B 248 8.81 -12.45 -19.14
CA LEU B 248 7.88 -13.31 -19.85
C LEU B 248 8.45 -13.81 -21.16
N ASP B 249 9.49 -13.15 -21.66
CA ASP B 249 10.21 -13.67 -22.82
C ASP B 249 10.82 -15.04 -22.53
N LYS B 250 11.20 -15.29 -21.28
CA LYS B 250 11.74 -16.58 -20.87
C LYS B 250 10.58 -17.56 -20.70
N ALA B 251 10.86 -18.70 -20.07
CA ALA B 251 9.85 -19.74 -19.98
C ALA B 251 8.74 -19.29 -19.03
N TRP B 252 7.52 -19.76 -19.30
CA TRP B 252 6.37 -19.41 -18.48
C TRP B 252 6.53 -19.90 -17.03
N ASP B 253 6.93 -21.15 -16.88
CA ASP B 253 7.16 -21.79 -15.59
C ASP B 253 8.42 -21.25 -14.86
N GLN B 254 9.00 -20.16 -15.33
CA GLN B 254 10.14 -19.50 -14.69
C GLN B 254 9.73 -18.26 -13.91
N CYS B 255 8.44 -17.90 -13.97
CA CYS B 255 7.89 -16.80 -13.17
C CYS B 255 7.69 -17.36 -11.76
N ILE B 256 8.62 -17.04 -10.86
CA ILE B 256 8.75 -17.73 -9.59
C ILE B 256 8.88 -16.70 -8.48
N PRO B 257 8.30 -16.93 -7.31
CA PRO B 257 8.37 -15.94 -6.23
C PRO B 257 9.67 -16.06 -5.45
N LYS B 258 10.24 -14.91 -5.11
CA LYS B 258 11.45 -14.85 -4.29
C LYS B 258 11.09 -14.44 -2.86
N TYR B 259 11.39 -15.31 -1.90
CA TYR B 259 11.07 -15.05 -0.50
C TYR B 259 12.28 -14.44 0.19
N SER B 260 12.04 -13.39 0.97
CA SER B 260 13.05 -12.73 1.78
C SER B 260 12.49 -12.48 3.17
N PHE B 261 13.39 -12.46 4.16
CA PHE B 261 12.99 -12.40 5.57
C PHE B 261 13.78 -11.31 6.27
N THR B 262 13.08 -10.49 7.05
CA THR B 262 13.72 -9.38 7.73
C THR B 262 12.89 -9.01 8.94
N ARG B 263 13.47 -8.18 9.79
CA ARG B 263 12.72 -7.62 10.89
C ARG B 263 12.39 -6.18 10.57
N LEU B 264 11.12 -5.80 10.67
CA LEU B 264 10.73 -4.47 10.26
C LEU B 264 10.84 -3.45 11.37
N ASP B 265 10.55 -3.82 12.62
CA ASP B 265 10.61 -2.86 13.71
C ASP B 265 12.07 -2.76 14.16
N SER B 266 12.90 -2.23 13.26
CA SER B 266 14.33 -2.23 13.53
C SER B 266 14.70 -1.27 14.65
N VAL B 267 14.03 -0.11 14.72
CA VAL B 267 14.33 0.91 15.72
C VAL B 267 14.24 0.33 17.12
N SER B 268 13.53 -0.78 17.28
CA SER B 268 13.30 -1.36 18.60
C SER B 268 14.60 -1.77 19.25
N GLU B 269 15.52 -2.36 18.47
CA GLU B 269 16.76 -2.86 19.05
C GLU B 269 17.76 -1.75 19.31
N LYS B 270 17.82 -0.73 18.43
CA LYS B 270 18.72 0.40 18.65
C LYS B 270 18.17 1.45 19.65
N SER B 271 17.15 1.11 20.43
CA SER B 271 16.48 2.05 21.31
C SER B 271 16.29 1.48 22.71
N SER B 272 16.51 2.31 23.71
CA SER B 272 16.21 1.88 25.07
C SER B 272 14.77 2.21 25.48
N VAL B 273 13.95 2.83 24.64
CA VAL B 273 12.63 3.28 25.09
C VAL B 273 11.52 2.29 24.76
N SER B 274 11.46 1.79 23.51
CA SER B 274 10.40 0.85 23.11
C SER B 274 11.01 -0.35 22.39
N PRO B 275 11.38 -1.40 23.15
CA PRO B 275 12.23 -2.46 22.57
C PRO B 275 11.48 -3.52 21.82
N GLY B 276 10.15 -3.53 21.85
CA GLY B 276 9.38 -4.61 21.26
C GLY B 276 8.02 -4.18 20.74
N TYR B 277 7.03 -5.08 20.86
CA TYR B 277 5.69 -4.86 20.32
C TYR B 277 4.67 -5.45 21.28
N ASN B 278 3.83 -4.60 21.88
CA ASN B 278 2.76 -5.17 22.68
C ASN B 278 1.52 -4.30 22.57
N PHE B 279 0.38 -4.95 22.86
CA PHE B 279 -0.92 -4.30 22.86
C PHE B 279 -1.80 -4.98 23.87
N ARG B 280 -2.86 -4.26 24.25
CA ARG B 280 -3.77 -4.67 25.32
C ARG B 280 -5.21 -4.77 24.80
N PHE B 281 -5.91 -5.78 25.28
CA PHE B 281 -7.30 -6.04 24.93
C PHE B 281 -7.91 -6.78 26.09
N ALA B 282 -9.24 -6.92 26.07
CA ALA B 282 -9.88 -7.51 27.24
C ALA B 282 -10.93 -8.51 26.83
N LYS B 283 -10.95 -9.64 27.52
CA LYS B 283 -12.05 -10.58 27.40
C LYS B 283 -13.16 -10.07 28.30
N TYR B 284 -14.33 -9.81 27.71
CA TYR B 284 -15.42 -9.15 28.40
C TYR B 284 -16.46 -10.16 28.87
N TYR B 285 -16.77 -10.10 30.14
CA TYR B 285 -17.84 -10.89 30.70
C TYR B 285 -18.71 -9.99 31.55
N LYS B 286 -19.85 -10.53 31.99
CA LYS B 286 -20.68 -9.86 32.98
C LYS B 286 -21.43 -10.90 33.78
N MET B 287 -21.62 -10.62 35.07
CA MET B 287 -22.15 -11.56 36.04
C MET B 287 -23.63 -11.85 35.86
N GLU B 288 -24.22 -12.62 36.80
CA GLU B 288 -25.67 -12.79 36.83
C GLU B 288 -26.36 -11.46 37.13
N ASN B 289 -25.81 -10.69 38.05
CA ASN B 289 -26.07 -9.27 38.09
C ASN B 289 -25.58 -8.64 36.80
N GLY B 290 -26.22 -7.54 36.39
CA GLY B 290 -25.82 -6.91 35.13
C GLY B 290 -24.36 -6.45 35.07
N SER B 291 -23.66 -6.50 36.20
CA SER B 291 -22.35 -5.90 36.39
C SER B 291 -21.28 -6.58 35.54
N GLU B 292 -20.42 -5.77 34.91
CA GLU B 292 -19.42 -6.33 34.02
C GLU B 292 -18.11 -6.57 34.74
N TYR B 293 -17.42 -7.63 34.30
CA TYR B 293 -16.05 -7.86 34.72
C TYR B 293 -15.27 -8.36 33.51
N ARG B 294 -13.94 -8.17 33.55
CA ARG B 294 -13.14 -8.46 32.36
C ARG B 294 -11.80 -9.06 32.75
N THR B 295 -11.25 -9.83 31.84
CA THR B 295 -9.89 -10.36 31.89
C THR B 295 -9.04 -9.54 30.93
N LEU B 296 -8.06 -8.81 31.45
CA LEU B 296 -7.23 -7.90 30.67
C LEU B 296 -5.89 -8.53 30.33
N LEU B 297 -5.58 -8.59 29.04
CA LEU B 297 -4.37 -9.21 28.51
C LEU B 297 -3.52 -8.16 27.81
N LYS B 298 -2.26 -8.05 28.26
CA LYS B 298 -1.20 -7.34 27.55
C LYS B 298 -0.50 -8.35 26.67
N ALA B 299 -0.61 -8.19 25.35
CA ALA B 299 -0.15 -9.23 24.44
C ALA B 299 1.21 -8.89 23.83
N PHE B 300 2.17 -9.81 23.96
CA PHE B 300 3.45 -9.70 23.28
C PHE B 300 3.54 -10.78 22.22
N GLY B 301 3.89 -10.36 21.01
CA GLY B 301 4.02 -11.30 19.91
C GLY B 301 4.81 -10.73 18.75
N ILE B 302 4.97 -11.58 17.75
CA ILE B 302 5.67 -11.27 16.54
C ILE B 302 4.60 -10.93 15.52
N ARG B 303 4.69 -9.75 14.92
CA ARG B 303 3.78 -9.45 13.83
C ARG B 303 4.40 -9.91 12.53
N PHE B 304 3.56 -10.42 11.65
CA PHE B 304 4.00 -10.87 10.34
C PHE B 304 3.29 -10.07 9.26
N ASP B 305 4.10 -9.43 8.38
CA ASP B 305 3.64 -8.75 7.17
C ASP B 305 4.05 -9.58 5.97
N VAL B 306 3.05 -10.08 5.25
CA VAL B 306 3.28 -10.67 3.94
C VAL B 306 3.28 -9.49 2.95
N LEU B 307 4.48 -9.19 2.40
CA LEU B 307 4.78 -8.04 1.54
C LEU B 307 5.04 -8.51 0.12
N VAL B 308 4.14 -8.19 -0.80
CA VAL B 308 4.20 -8.68 -2.15
C VAL B 308 4.48 -7.53 -3.11
N TYR B 309 5.64 -7.58 -3.77
CA TYR B 309 6.06 -6.67 -4.83
C TYR B 309 6.39 -7.43 -6.09
N GLY B 310 6.48 -6.69 -7.18
CA GLY B 310 6.84 -7.31 -8.44
C GLY B 310 6.89 -6.31 -9.57
N ASN B 311 7.53 -6.76 -10.65
CA ASN B 311 7.56 -6.06 -11.91
C ASN B 311 7.81 -7.08 -13.01
N ALA B 312 7.00 -7.02 -14.07
CA ALA B 312 7.13 -7.95 -15.17
C ALA B 312 7.45 -7.18 -16.43
N GLY B 313 8.39 -7.71 -17.20
CA GLY B 313 8.81 -7.13 -18.46
C GLY B 313 8.61 -8.09 -19.61
N LYS B 314 8.01 -7.63 -20.70
CA LYS B 314 7.85 -8.49 -21.86
C LYS B 314 8.20 -7.70 -23.12
N PHE B 315 8.85 -8.39 -24.06
CA PHE B 315 9.32 -7.76 -25.28
C PHE B 315 8.16 -7.13 -26.06
N ASN B 316 8.40 -5.91 -26.53
CA ASN B 316 7.50 -5.21 -27.43
C ASN B 316 8.35 -4.48 -28.47
N ILE B 317 7.72 -4.16 -29.60
CA ILE B 317 8.47 -3.58 -30.71
C ILE B 317 8.78 -2.10 -30.44
N ILE B 318 7.90 -1.39 -29.74
CA ILE B 318 8.07 0.05 -29.50
C ILE B 318 9.30 0.36 -28.65
N PRO B 319 9.52 -0.29 -27.50
CA PRO B 319 10.75 0.00 -26.75
C PRO B 319 12.01 -0.36 -27.49
N THR B 320 12.00 -1.47 -28.25
CA THR B 320 13.16 -1.86 -29.05
C THR B 320 13.48 -0.81 -30.12
N ILE B 321 12.45 -0.36 -30.84
CA ILE B 321 12.62 0.66 -31.87
C ILE B 321 13.21 1.93 -31.27
N ILE B 322 12.63 2.42 -30.18
CA ILE B 322 13.11 3.67 -29.63
C ILE B 322 14.52 3.52 -29.03
N SER B 323 14.85 2.36 -28.45
CA SER B 323 16.21 2.20 -27.95
C SER B 323 17.22 2.12 -29.09
N SER B 324 16.89 1.43 -30.17
CA SER B 324 17.82 1.39 -31.29
C SER B 324 18.01 2.79 -31.87
N VAL B 325 16.94 3.58 -31.87
CA VAL B 325 17.01 4.97 -32.34
C VAL B 325 17.92 5.79 -31.43
N ALA B 326 17.75 5.68 -30.12
CA ALA B 326 18.61 6.43 -29.21
C ALA B 326 20.06 5.96 -29.33
N ALA B 327 20.28 4.67 -29.61
CA ALA B 327 21.64 4.17 -29.82
C ALA B 327 22.30 4.80 -31.05
N PHE B 328 21.60 4.79 -32.19
CA PHE B 328 22.19 5.37 -33.41
C PHE B 328 22.40 6.86 -33.26
N THR B 329 21.48 7.56 -32.60
CA THR B 329 21.68 9.00 -32.39
C THR B 329 22.73 9.30 -31.34
N SER B 330 23.07 8.33 -30.49
CA SER B 330 24.08 8.55 -29.46
C SER B 330 25.49 8.13 -29.89
N VAL B 331 25.60 7.29 -30.94
CA VAL B 331 26.92 6.92 -31.44
C VAL B 331 27.71 8.15 -31.87
N GLY B 332 27.03 9.24 -32.20
CA GLY B 332 27.73 10.42 -32.66
C GLY B 332 28.51 11.13 -31.58
N VAL B 333 28.24 10.83 -30.30
CA VAL B 333 28.82 11.64 -29.23
C VAL B 333 30.35 11.58 -29.21
N GLY B 334 30.93 10.46 -29.62
CA GLY B 334 32.39 10.36 -29.61
C GLY B 334 33.13 11.35 -30.51
N THR B 335 32.42 12.00 -31.43
CA THR B 335 33.08 12.90 -32.37
C THR B 335 33.69 14.08 -31.64
N VAL B 336 33.14 14.48 -30.50
CA VAL B 336 33.70 15.64 -29.81
C VAL B 336 35.07 15.29 -29.23
N LEU B 337 35.17 14.13 -28.57
CA LEU B 337 36.47 13.70 -28.09
C LEU B 337 37.45 13.47 -29.23
N CYS B 338 36.98 12.84 -30.31
CA CYS B 338 37.85 12.57 -31.45
C CYS B 338 38.29 13.86 -32.14
N ASP B 339 37.41 14.89 -32.16
CA ASP B 339 37.80 16.23 -32.61
C ASP B 339 38.94 16.77 -31.77
N ILE B 340 38.81 16.67 -30.46
CA ILE B 340 39.86 17.20 -29.58
C ILE B 340 41.18 16.49 -29.87
N ILE B 341 41.15 15.16 -29.93
CA ILE B 341 42.36 14.36 -30.13
C ILE B 341 43.00 14.66 -31.50
N LEU B 342 42.20 14.59 -32.57
CA LEU B 342 42.71 14.80 -33.92
C LEU B 342 43.25 16.20 -34.09
N LEU B 343 42.46 17.21 -33.71
CA LEU B 343 42.85 18.60 -33.85
C LEU B 343 43.89 19.07 -32.83
N ASN B 344 44.34 18.24 -31.88
CA ASN B 344 45.39 18.74 -31.00
C ASN B 344 46.47 17.71 -30.63
N PHE B 345 46.54 16.55 -31.33
CA PHE B 345 47.50 15.53 -30.93
C PHE B 345 48.03 14.73 -32.11
N LEU B 346 48.22 15.37 -33.28
CA LEU B 346 48.79 14.67 -34.44
C LEU B 346 49.88 15.49 -35.14
N LYS B 347 50.42 16.52 -34.46
CA LYS B 347 51.50 17.39 -34.94
C LYS B 347 51.10 18.22 -36.17
N GLY B 348 50.41 17.60 -37.11
CA GLY B 348 49.89 18.30 -38.27
C GLY B 348 48.49 18.80 -37.95
N ALA B 349 48.24 19.14 -36.68
CA ALA B 349 46.94 19.69 -36.28
C ALA B 349 46.55 20.90 -37.13
N ASP B 350 47.53 21.71 -37.52
CA ASP B 350 47.30 22.89 -38.36
C ASP B 350 46.65 22.51 -39.69
N GLN B 351 47.04 21.37 -40.25
CA GLN B 351 46.44 20.87 -41.49
C GLN B 351 44.93 20.70 -41.35
N TYR B 352 44.49 20.08 -40.25
CA TYR B 352 43.07 19.81 -40.06
C TYR B 352 42.31 21.06 -39.67
N LYS B 353 42.90 21.91 -38.83
CA LYS B 353 42.27 23.19 -38.55
C LYS B 353 41.99 23.94 -39.85
N ALA B 354 42.95 23.95 -40.77
CA ALA B 354 42.75 24.62 -42.05
C ALA B 354 41.72 23.87 -42.90
N LYS B 355 41.80 22.55 -42.96
CA LYS B 355 40.89 21.79 -43.80
C LYS B 355 39.44 21.96 -43.34
N LYS B 356 39.21 22.11 -42.05
CA LYS B 356 37.85 22.08 -41.51
C LYS B 356 37.23 23.48 -41.39
N PHE B 357 38.02 24.46 -41.02
CA PHE B 357 37.47 25.75 -40.62
C PHE B 357 37.68 26.77 -41.73
N GLU B 358 36.58 27.34 -42.22
CA GLU B 358 36.60 28.41 -43.21
C GLU B 358 36.19 29.70 -42.49
N GLU B 359 37.19 30.45 -42.02
CA GLU B 359 36.93 31.62 -41.19
C GLU B 359 36.19 32.68 -41.99
N VAL B 360 35.57 33.61 -41.26
CA VAL B 360 34.83 34.72 -41.85
C VAL B 360 35.04 35.90 -40.92
N ASN B 361 35.00 37.11 -41.46
CA ASN B 361 35.18 38.28 -40.61
C ASN B 361 34.55 39.50 -41.27
N GLU B 362 33.88 40.31 -40.46
CA GLU B 362 33.33 41.59 -40.90
C GLU B 362 32.75 42.37 -39.73
N PHE C 6 38.36 34.21 -28.02
CA PHE C 6 37.72 34.99 -29.07
C PHE C 6 36.26 34.52 -29.20
N PHE C 7 35.34 35.46 -29.04
CA PHE C 7 33.90 35.20 -29.10
C PHE C 7 33.44 34.88 -30.52
N THR C 8 33.55 33.62 -30.93
CA THR C 8 33.32 33.23 -32.32
C THR C 8 32.17 32.26 -32.40
N TYR C 9 31.34 32.42 -33.41
CA TYR C 9 30.18 31.55 -33.57
C TYR C 9 30.46 30.54 -34.67
N GLU C 10 30.42 29.26 -34.32
CA GLU C 10 30.63 28.18 -35.30
C GLU C 10 29.30 27.66 -35.81
N THR C 11 29.31 27.15 -37.03
CA THR C 11 28.15 26.63 -37.72
C THR C 11 28.63 25.87 -38.96
N PRO C 12 27.98 24.79 -39.37
CA PRO C 12 28.55 23.94 -40.43
C PRO C 12 28.27 24.47 -41.83
N LYS C 13 29.19 24.16 -42.76
CA LYS C 13 28.97 24.41 -44.17
C LYS C 13 28.09 23.29 -44.73
N VAL C 14 27.09 23.66 -45.53
CA VAL C 14 26.00 22.75 -45.84
C VAL C 14 25.77 22.68 -47.34
N ILE C 15 25.61 21.46 -47.82
CA ILE C 15 25.08 21.19 -49.14
C ILE C 15 23.57 21.42 -49.11
N VAL C 16 22.98 21.87 -50.21
CA VAL C 16 21.52 21.99 -50.27
C VAL C 16 21.00 21.38 -51.56
N VAL C 17 20.93 20.04 -51.63
CA VAL C 17 20.44 19.38 -52.83
C VAL C 17 19.00 19.82 -53.11
N LYS C 18 18.62 19.87 -54.40
CA LYS C 18 17.26 20.27 -54.77
C LYS C 18 16.58 19.25 -55.66
N SER C 19 17.00 17.99 -55.63
CA SER C 19 16.31 16.97 -56.42
C SER C 19 14.85 16.86 -55.97
N TRP C 20 13.94 16.80 -56.95
CA TRP C 20 12.53 16.65 -56.59
C TRP C 20 12.34 15.40 -55.75
N THR C 21 13.08 14.33 -56.07
CA THR C 21 12.95 13.05 -55.39
C THR C 21 13.29 13.16 -53.90
N ILE C 22 14.54 13.50 -53.59
CA ILE C 22 14.96 13.59 -52.20
C ILE C 22 14.24 14.73 -51.51
N GLY C 23 13.90 15.80 -52.25
CA GLY C 23 13.09 16.85 -51.68
C GLY C 23 11.76 16.37 -51.11
N ILE C 24 10.92 15.71 -51.91
CA ILE C 24 9.62 15.26 -51.39
C ILE C 24 9.79 14.14 -50.37
N ILE C 25 10.78 13.26 -50.53
CA ILE C 25 10.89 12.15 -49.58
C ILE C 25 11.34 12.67 -48.21
N ASN C 26 12.21 13.67 -48.17
CA ASN C 26 12.56 14.26 -46.87
C ASN C 26 11.40 15.05 -46.31
N ARG C 27 10.67 15.80 -47.14
CA ARG C 27 9.52 16.52 -46.61
C ARG C 27 8.48 15.57 -46.02
N VAL C 28 8.32 14.38 -46.61
CA VAL C 28 7.41 13.37 -46.08
C VAL C 28 7.93 12.81 -44.76
N VAL C 29 9.23 12.49 -44.70
CA VAL C 29 9.79 12.03 -43.43
C VAL C 29 9.61 13.08 -42.33
N GLN C 30 9.81 14.36 -42.67
CA GLN C 30 9.62 15.41 -41.69
C GLN C 30 8.16 15.56 -41.27
N LEU C 31 7.22 15.47 -42.23
CA LEU C 31 5.80 15.48 -41.87
C LEU C 31 5.42 14.34 -40.95
N LEU C 32 5.90 13.12 -41.24
CA LEU C 32 5.58 11.99 -40.40
C LEU C 32 6.19 12.16 -39.01
N ILE C 33 7.41 12.67 -38.92
CA ILE C 33 7.99 12.90 -37.59
C ILE C 33 7.17 13.91 -36.81
N ILE C 34 6.81 15.03 -37.45
CA ILE C 34 6.05 16.05 -36.73
C ILE C 34 4.68 15.52 -36.30
N SER C 35 3.99 14.78 -37.18
CA SER C 35 2.65 14.28 -36.81
C SER C 35 2.75 13.22 -35.71
N TYR C 36 3.75 12.34 -35.77
CA TYR C 36 3.97 11.38 -34.69
C TYR C 36 4.20 12.09 -33.36
N PHE C 37 5.02 13.14 -33.35
CA PHE C 37 5.20 13.85 -32.08
C PHE C 37 3.97 14.64 -31.64
N VAL C 38 3.18 15.17 -32.57
CA VAL C 38 2.01 15.93 -32.17
C VAL C 38 0.90 15.00 -31.65
N GLY C 39 0.57 13.95 -32.42
CA GLY C 39 -0.54 13.10 -32.04
C GLY C 39 -0.24 12.18 -30.88
N TRP C 40 0.93 11.54 -30.89
CA TRP C 40 1.27 10.57 -29.84
C TRP C 40 1.85 11.29 -28.62
N VAL C 41 3.04 11.84 -28.75
CA VAL C 41 3.74 12.38 -27.58
C VAL C 41 2.94 13.51 -26.94
N PHE C 42 2.20 14.30 -27.73
CA PHE C 42 1.53 15.47 -27.18
C PHE C 42 0.07 15.21 -26.84
N LEU C 43 -0.74 14.76 -27.80
CA LEU C 43 -2.16 14.56 -27.50
C LEU C 43 -2.37 13.34 -26.62
N HIS C 44 -1.95 12.18 -27.10
CA HIS C 44 -2.19 10.91 -26.45
C HIS C 44 -1.41 10.83 -25.14
N GLU C 45 -0.11 10.68 -25.24
CA GLU C 45 0.65 10.49 -24.02
C GLU C 45 0.67 11.74 -23.15
N LYS C 46 0.05 12.84 -23.60
CA LYS C 46 -0.14 14.07 -22.83
C LYS C 46 1.15 14.52 -22.14
N ALA C 47 2.23 14.62 -22.93
CA ALA C 47 3.50 15.06 -22.35
C ALA C 47 3.51 16.54 -22.02
N TYR C 48 2.43 17.25 -22.33
CA TYR C 48 2.29 18.67 -22.06
C TYR C 48 1.78 18.98 -20.66
N GLN C 49 1.61 17.98 -19.78
CA GLN C 49 1.07 18.20 -18.44
C GLN C 49 1.88 17.44 -17.40
N VAL C 50 1.86 17.93 -16.15
CA VAL C 50 2.48 17.21 -15.04
C VAL C 50 1.49 16.18 -14.50
N ARG C 51 2.02 15.01 -14.16
CA ARG C 51 1.25 13.85 -13.72
C ARG C 51 1.45 13.62 -12.22
N ASP C 52 0.36 13.28 -11.54
CA ASP C 52 0.40 12.93 -10.14
C ASP C 52 -0.16 11.52 -10.00
N THR C 53 0.69 10.61 -9.51
CA THR C 53 0.27 9.23 -9.24
C THR C 53 0.03 8.99 -7.77
N ALA C 54 0.52 9.87 -6.91
CA ALA C 54 0.37 9.79 -5.46
C ALA C 54 -1.00 10.31 -5.07
N ILE C 55 -1.99 9.44 -5.17
CA ILE C 55 -3.36 9.78 -4.76
C ILE C 55 -3.55 9.50 -3.27
N GLU C 56 -4.28 10.38 -2.59
CA GLU C 56 -4.73 10.16 -1.22
C GLU C 56 -6.16 9.65 -1.27
N SER C 57 -6.42 8.52 -0.60
CA SER C 57 -7.73 7.83 -0.62
C SER C 57 -8.19 7.56 0.80
N SER C 58 -9.53 7.48 0.95
CA SER C 58 -10.19 7.13 2.22
C SER C 58 -11.45 6.33 1.91
N VAL C 59 -11.55 5.11 2.46
CA VAL C 59 -12.69 4.23 2.20
C VAL C 59 -13.37 3.88 3.52
N VAL C 60 -14.68 4.08 3.55
CA VAL C 60 -15.51 3.75 4.69
C VAL C 60 -16.66 2.92 4.15
N THR C 61 -16.84 1.73 4.73
CA THR C 61 -17.82 0.81 4.22
C THR C 61 -18.88 0.54 5.27
N LYS C 62 -20.05 0.14 4.80
CA LYS C 62 -21.08 -0.29 5.74
C LYS C 62 -21.90 -1.35 5.02
N VAL C 63 -22.05 -2.52 5.65
CA VAL C 63 -22.80 -3.62 5.02
C VAL C 63 -24.21 -3.61 5.63
N LYS C 64 -25.21 -3.90 4.80
CA LYS C 64 -26.59 -3.94 5.30
C LYS C 64 -27.40 -5.11 4.72
N GLY C 65 -28.26 -5.65 5.58
CA GLY C 65 -28.99 -6.85 5.27
C GLY C 65 -29.19 -7.75 6.47
N SER C 66 -30.03 -8.77 6.28
CA SER C 66 -30.32 -9.79 7.27
C SER C 66 -30.28 -11.15 6.60
N GLY C 67 -29.94 -12.18 7.38
CA GLY C 67 -29.85 -13.52 6.83
C GLY C 67 -30.31 -14.56 7.83
N LEU C 68 -30.61 -15.76 7.31
CA LEU C 68 -31.03 -16.89 8.12
C LEU C 68 -29.92 -17.93 8.19
N TYR C 69 -29.52 -18.32 9.40
CA TYR C 69 -28.48 -19.33 9.51
C TYR C 69 -28.47 -19.98 10.88
N ALA C 70 -28.43 -21.32 10.88
CA ALA C 70 -28.37 -22.10 12.12
C ALA C 70 -29.52 -21.78 13.07
N ASN C 71 -30.72 -21.53 12.51
CA ASN C 71 -31.87 -21.10 13.31
C ASN C 71 -31.59 -19.78 14.05
N ARG C 72 -30.83 -18.90 13.41
CA ARG C 72 -30.62 -17.55 13.91
C ARG C 72 -30.88 -16.56 12.80
N VAL C 73 -31.32 -15.37 13.18
CA VAL C 73 -31.36 -14.22 12.28
C VAL C 73 -30.06 -13.44 12.48
N MET C 74 -29.31 -13.23 11.40
CA MET C 74 -28.02 -12.57 11.43
C MET C 74 -28.15 -11.18 10.84
N ASP C 75 -27.63 -10.19 11.54
CA ASP C 75 -27.49 -8.86 10.97
C ASP C 75 -26.01 -8.57 10.72
N VAL C 76 -25.72 -7.34 10.32
CA VAL C 76 -24.38 -7.01 9.84
C VAL C 76 -23.36 -7.41 10.88
N SER C 77 -23.64 -7.10 12.15
CA SER C 77 -22.73 -7.32 13.26
C SER C 77 -22.44 -8.80 13.47
N ASP C 78 -23.31 -9.67 12.92
CA ASP C 78 -23.06 -11.11 12.99
C ASP C 78 -22.13 -11.57 11.88
N TYR C 79 -22.31 -11.10 10.65
CA TYR C 79 -21.61 -11.75 9.56
C TYR C 79 -20.47 -10.95 8.96
N VAL C 80 -20.24 -9.72 9.38
CA VAL C 80 -19.16 -8.90 8.86
C VAL C 80 -17.99 -8.90 9.83
N THR C 81 -16.79 -9.21 9.32
CA THR C 81 -15.61 -9.22 10.19
C THR C 81 -14.42 -8.79 9.35
N PRO C 82 -13.60 -7.87 9.84
CA PRO C 82 -13.75 -7.06 11.05
C PRO C 82 -14.82 -6.02 10.79
N PRO C 83 -15.29 -5.32 11.83
CA PRO C 83 -16.51 -4.49 11.72
C PRO C 83 -16.28 -2.99 11.55
N GLN C 84 -15.05 -2.48 11.65
CA GLN C 84 -14.81 -1.05 11.72
C GLN C 84 -15.01 -0.36 10.41
N GLY C 85 -15.32 -1.12 9.37
CA GLY C 85 -15.68 -0.58 8.07
C GLY C 85 -14.55 -0.06 7.20
N THR C 86 -13.53 -0.90 6.99
CA THR C 86 -12.38 -0.48 6.20
C THR C 86 -12.57 -0.85 4.74
N SER C 87 -11.51 -0.62 3.97
CA SER C 87 -11.47 -1.02 2.57
C SER C 87 -11.29 -2.51 2.40
N VAL C 88 -11.11 -3.26 3.49
CA VAL C 88 -11.12 -4.72 3.46
C VAL C 88 -12.06 -5.19 4.56
N PHE C 89 -12.98 -6.08 4.20
CA PHE C 89 -13.88 -6.78 5.12
C PHE C 89 -14.29 -8.09 4.49
N VAL C 90 -14.81 -8.97 5.32
CA VAL C 90 -15.25 -10.28 4.91
C VAL C 90 -16.70 -10.42 5.33
N ILE C 91 -17.54 -10.99 4.43
CA ILE C 91 -18.97 -11.33 4.66
C ILE C 91 -19.11 -12.85 4.80
N ILE C 92 -19.32 -13.31 6.03
CA ILE C 92 -19.34 -14.74 6.30
C ILE C 92 -20.57 -15.31 5.65
N THR C 93 -20.39 -16.35 4.85
CA THR C 93 -21.50 -17.02 4.22
C THR C 93 -21.72 -18.45 4.71
N LYS C 94 -20.72 -19.07 5.35
CA LYS C 94 -20.82 -20.47 5.72
C LYS C 94 -20.07 -20.67 7.03
N MET C 95 -20.62 -21.44 7.96
CA MET C 95 -20.00 -21.58 9.28
C MET C 95 -20.08 -23.00 9.78
N ILE C 96 -18.95 -23.50 10.22
CA ILE C 96 -18.88 -24.79 10.86
C ILE C 96 -18.65 -24.49 12.34
N VAL C 97 -19.65 -24.78 13.16
CA VAL C 97 -19.64 -24.40 14.57
C VAL C 97 -19.28 -25.64 15.37
N THR C 98 -18.51 -25.43 16.42
CA THR C 98 -18.22 -26.47 17.39
C THR C 98 -18.48 -25.78 18.74
N GLU C 99 -19.64 -26.06 19.32
CA GLU C 99 -20.10 -25.30 20.49
C GLU C 99 -19.45 -25.77 21.77
N ASN C 100 -19.21 -24.82 22.68
CA ASN C 100 -18.90 -25.09 24.08
C ASN C 100 -17.71 -26.04 24.21
N GLN C 101 -16.56 -25.58 23.74
CA GLN C 101 -15.31 -26.28 23.96
C GLN C 101 -14.81 -25.92 25.37
N MET C 102 -14.21 -26.89 26.05
CA MET C 102 -13.60 -26.65 27.36
C MET C 102 -12.24 -27.32 27.38
N GLN C 103 -11.35 -26.80 28.22
CA GLN C 103 -10.04 -27.40 28.35
C GLN C 103 -10.14 -28.77 29.00
N GLY C 104 -9.71 -29.81 28.28
CA GLY C 104 -9.74 -31.13 28.84
C GLY C 104 -9.01 -32.12 27.95
N PHE C 105 -9.38 -33.39 28.10
CA PHE C 105 -8.76 -34.50 27.36
C PHE C 105 -9.82 -35.15 26.49
N CYS C 106 -9.48 -35.42 25.23
CA CYS C 106 -10.42 -36.06 24.32
C CYS C 106 -9.67 -36.55 23.10
N PRO C 107 -10.22 -37.52 22.37
CA PRO C 107 -9.56 -38.00 21.16
C PRO C 107 -9.91 -37.18 19.92
N GLU C 108 -8.97 -37.19 18.98
CA GLU C 108 -9.12 -36.51 17.70
C GLU C 108 -10.20 -37.20 16.87
N SER C 109 -10.70 -36.50 15.84
CA SER C 109 -11.81 -36.99 15.03
C SER C 109 -11.44 -37.33 13.59
N GLU C 110 -10.30 -36.85 13.10
CA GLU C 110 -9.88 -37.16 11.74
C GLU C 110 -9.39 -38.60 11.64
N GLU C 111 -9.71 -39.24 10.50
CA GLU C 111 -9.20 -40.58 10.23
C GLU C 111 -7.68 -40.63 10.14
N LYS C 112 -7.04 -39.45 9.97
CA LYS C 112 -5.58 -39.32 9.91
C LYS C 112 -4.87 -39.74 11.19
N TYR C 113 -5.59 -39.93 12.28
CA TYR C 113 -4.99 -40.27 13.57
C TYR C 113 -5.37 -41.67 14.05
N ARG C 114 -5.75 -42.57 13.15
CA ARG C 114 -6.17 -43.90 13.54
C ARG C 114 -5.06 -44.64 14.27
N CYS C 115 -5.42 -45.28 15.39
CA CYS C 115 -4.47 -46.04 16.19
C CYS C 115 -5.15 -47.26 16.80
N VAL C 116 -4.29 -48.16 17.31
CA VAL C 116 -4.72 -49.27 18.14
C VAL C 116 -3.92 -49.38 19.45
N SER C 117 -2.71 -48.81 19.54
CA SER C 117 -1.86 -48.86 20.72
C SER C 117 -1.39 -47.46 21.10
N ASP C 118 -1.19 -47.25 22.41
CA ASP C 118 -0.67 -45.98 22.93
C ASP C 118 0.76 -45.71 22.48
N SER C 119 1.45 -46.70 21.93
CA SER C 119 2.84 -46.54 21.50
C SER C 119 2.96 -45.69 20.23
N GLN C 120 1.91 -45.67 19.40
CA GLN C 120 1.93 -44.90 18.17
C GLN C 120 1.81 -43.40 18.41
N CYS C 121 1.26 -42.99 19.55
CA CYS C 121 0.99 -41.57 19.82
C CYS C 121 2.25 -40.95 20.43
N GLY C 122 3.23 -40.70 19.56
CA GLY C 122 4.50 -40.11 19.93
C GLY C 122 4.64 -38.73 19.33
N PRO C 123 5.87 -38.16 19.34
CA PRO C 123 6.08 -36.81 18.77
C PRO C 123 6.05 -36.68 17.25
N GLU C 124 5.26 -37.50 16.56
CA GLU C 124 5.23 -37.48 15.10
C GLU C 124 4.20 -36.49 14.53
N ARG C 125 2.97 -36.51 15.03
CA ARG C 125 1.90 -35.68 14.52
C ARG C 125 1.64 -34.55 15.52
N LEU C 126 2.52 -33.55 15.51
CA LEU C 126 2.51 -32.45 16.48
C LEU C 126 1.36 -31.45 16.31
N PRO C 127 1.00 -31.00 15.05
CA PRO C 127 0.03 -29.90 14.92
C PRO C 127 -1.40 -30.26 15.28
N GLY C 128 -2.30 -29.29 15.19
CA GLY C 128 -3.72 -29.56 15.29
C GLY C 128 -4.17 -29.72 16.74
N GLY C 129 -5.38 -29.24 17.06
CA GLY C 129 -5.98 -29.41 18.38
C GLY C 129 -5.16 -28.95 19.57
N GLY C 130 -4.64 -29.92 20.34
CA GLY C 130 -3.75 -29.67 21.46
C GLY C 130 -2.46 -30.48 21.36
N ILE C 131 -2.05 -31.01 22.49
CA ILE C 131 -0.86 -31.83 22.63
C ILE C 131 -1.25 -33.27 22.88
N LEU C 132 -0.55 -34.21 22.24
CA LEU C 132 -0.86 -35.63 22.41
C LEU C 132 -0.66 -36.06 23.86
N THR C 133 -1.68 -36.73 24.43
CA THR C 133 -1.58 -37.27 25.79
C THR C 133 -0.79 -38.58 25.84
N GLY C 134 -0.53 -39.19 24.68
CA GLY C 134 0.19 -40.44 24.62
C GLY C 134 -0.68 -41.66 24.59
N ARG C 135 -1.95 -41.53 24.94
CA ARG C 135 -2.85 -42.67 24.95
C ARG C 135 -3.55 -42.74 23.61
N CYS C 136 -4.12 -43.92 23.36
CA CYS C 136 -4.93 -44.17 22.18
C CYS C 136 -6.31 -44.55 22.69
N VAL C 137 -7.32 -43.74 22.35
CA VAL C 137 -8.65 -43.87 22.91
C VAL C 137 -9.67 -44.03 21.81
N ASN C 138 -10.76 -44.74 22.12
CA ASN C 138 -11.87 -44.94 21.20
C ASN C 138 -12.57 -43.61 20.92
N TYR C 139 -12.63 -43.20 19.65
CA TYR C 139 -13.46 -42.05 19.30
C TYR C 139 -14.88 -42.43 18.91
N SER C 140 -15.07 -43.56 18.24
CA SER C 140 -16.39 -44.07 17.91
C SER C 140 -16.35 -45.60 18.03
N SER C 141 -17.50 -46.23 17.82
CA SER C 141 -17.54 -47.68 17.90
C SER C 141 -16.64 -48.32 16.86
N VAL C 142 -16.30 -47.61 15.78
CA VAL C 142 -15.49 -48.18 14.70
C VAL C 142 -14.06 -47.67 14.71
N LEU C 143 -13.77 -46.55 15.37
CA LEU C 143 -12.46 -45.91 15.22
C LEU C 143 -11.82 -45.56 16.57
N ARG C 144 -10.50 -45.73 16.63
CA ARG C 144 -9.67 -45.31 17.75
C ARG C 144 -8.65 -44.31 17.24
N THR C 145 -8.50 -43.21 17.96
CA THR C 145 -7.54 -42.17 17.59
C THR C 145 -6.76 -41.74 18.82
N CYS C 146 -5.67 -41.02 18.59
CA CYS C 146 -4.82 -40.60 19.70
C CYS C 146 -5.47 -39.49 20.52
N GLU C 147 -5.22 -39.53 21.84
CA GLU C 147 -5.81 -38.59 22.78
C GLU C 147 -4.96 -37.33 22.88
N ILE C 148 -5.64 -36.18 23.00
CA ILE C 148 -4.97 -34.88 23.12
C ILE C 148 -5.59 -34.09 24.26
N GLN C 149 -4.77 -33.21 24.82
CA GLN C 149 -5.20 -32.21 25.79
C GLN C 149 -5.33 -30.87 25.10
N GLY C 150 -6.45 -30.19 25.37
CA GLY C 150 -6.75 -28.94 24.71
C GLY C 150 -8.24 -28.69 24.72
N TRP C 151 -8.67 -27.90 23.75
CA TRP C 151 -10.09 -27.59 23.61
C TRP C 151 -10.88 -28.81 23.13
N CYS C 152 -11.84 -29.26 23.95
CA CYS C 152 -12.64 -30.43 23.69
C CYS C 152 -14.10 -30.04 23.65
N PRO C 153 -14.92 -30.76 22.86
CA PRO C 153 -14.62 -31.90 22.00
C PRO C 153 -13.98 -31.45 20.70
N THR C 154 -13.29 -32.32 19.97
CA THR C 154 -12.69 -31.85 18.74
C THR C 154 -13.75 -31.52 17.69
N GLU C 155 -13.40 -30.57 16.81
CA GLU C 155 -14.27 -30.15 15.71
C GLU C 155 -14.21 -31.20 14.61
N VAL C 156 -15.31 -31.41 13.90
CA VAL C 156 -15.27 -32.21 12.68
C VAL C 156 -15.25 -31.29 11.46
N ASP C 157 -14.19 -31.42 10.65
CA ASP C 157 -13.85 -30.56 9.52
C ASP C 157 -14.53 -31.01 8.22
N THR C 158 -15.21 -32.16 8.25
CA THR C 158 -15.58 -32.91 7.05
C THR C 158 -17.04 -32.79 6.66
N VAL C 159 -17.95 -32.68 7.61
CA VAL C 159 -19.37 -32.66 7.30
C VAL C 159 -19.76 -31.29 6.79
N GLU C 160 -20.34 -31.24 5.59
CA GLU C 160 -20.66 -29.96 4.99
C GLU C 160 -21.97 -29.43 5.53
N THR C 161 -22.02 -28.13 5.74
CA THR C 161 -23.10 -27.35 6.28
C THR C 161 -23.69 -26.41 5.24
N PRO C 162 -24.89 -25.90 5.48
CA PRO C 162 -25.52 -25.02 4.48
C PRO C 162 -24.80 -23.68 4.39
N ILE C 163 -25.19 -22.93 3.37
CA ILE C 163 -24.69 -21.57 3.16
C ILE C 163 -25.85 -20.60 3.32
N MET C 164 -25.49 -19.37 3.63
CA MET C 164 -26.49 -18.34 3.84
C MET C 164 -26.83 -17.78 2.48
N MET C 165 -27.92 -18.22 1.91
CA MET C 165 -28.29 -17.66 0.63
C MET C 165 -28.61 -16.17 0.77
N GLU C 166 -29.27 -15.76 1.86
CA GLU C 166 -29.73 -14.38 1.94
C GLU C 166 -28.61 -13.36 1.71
N ALA C 167 -27.35 -13.73 1.99
CA ALA C 167 -26.21 -12.81 1.82
C ALA C 167 -26.08 -12.30 0.40
N GLU C 168 -26.62 -13.02 -0.58
CA GLU C 168 -26.56 -12.56 -1.96
C GLU C 168 -27.21 -11.20 -2.09
N ASN C 169 -28.21 -10.89 -1.28
CA ASN C 169 -28.90 -9.62 -1.37
C ASN C 169 -28.43 -8.60 -0.32
N PHE C 170 -27.26 -8.81 0.27
CA PHE C 170 -26.69 -7.77 1.13
C PHE C 170 -26.13 -6.62 0.30
N THR C 171 -25.93 -5.49 0.97
CA THR C 171 -25.50 -4.27 0.32
C THR C 171 -24.25 -3.67 0.95
N ILE C 172 -23.27 -3.33 0.11
CA ILE C 172 -22.02 -2.71 0.54
C ILE C 172 -22.08 -1.25 0.14
N PHE C 173 -21.95 -0.35 1.10
CA PHE C 173 -21.92 1.07 0.81
C PHE C 173 -20.48 1.54 0.95
N ILE C 174 -19.92 2.13 -0.12
CA ILE C 174 -18.55 2.62 -0.15
C ILE C 174 -18.58 4.14 -0.11
N LYS C 175 -17.74 4.70 0.76
CA LYS C 175 -17.51 6.14 0.89
C LYS C 175 -16.00 6.39 0.73
N ASN C 176 -15.64 6.88 -0.46
CA ASN C 176 -14.26 7.07 -0.88
C ASN C 176 -14.02 8.56 -1.08
N SER C 177 -12.98 9.05 -0.44
CA SER C 177 -12.53 10.42 -0.58
C SER C 177 -11.15 10.37 -1.24
N ILE C 178 -10.98 11.09 -2.35
CA ILE C 178 -9.71 11.11 -3.07
C ILE C 178 -9.21 12.54 -3.11
N ARG C 179 -7.90 12.65 -3.16
CA ARG C 179 -7.25 13.93 -3.17
C ARG C 179 -6.02 13.74 -4.03
N PHE C 180 -5.83 14.61 -5.00
CA PHE C 180 -4.57 14.70 -5.72
C PHE C 180 -3.75 15.88 -5.20
N PRO C 181 -2.63 15.67 -4.51
CA PRO C 181 -1.93 16.81 -3.89
C PRO C 181 -1.17 17.66 -4.88
N LEU C 182 -0.62 17.07 -5.94
CA LEU C 182 0.13 17.85 -6.90
C LEU C 182 -0.73 18.98 -7.46
N PHE C 183 -2.04 18.78 -7.50
CA PHE C 183 -2.93 19.83 -7.95
C PHE C 183 -3.86 20.34 -6.85
N ASN C 184 -3.70 19.84 -5.62
CA ASN C 184 -4.57 20.19 -4.49
C ASN C 184 -6.04 20.07 -4.89
N PHE C 185 -6.42 18.89 -5.36
CA PHE C 185 -7.74 18.67 -5.93
C PHE C 185 -8.43 17.51 -5.25
N GLU C 186 -9.53 17.79 -4.55
CA GLU C 186 -10.26 16.82 -3.74
C GLU C 186 -11.61 16.55 -4.40
N LYS C 187 -12.01 15.28 -4.38
CA LYS C 187 -13.34 14.89 -4.82
C LYS C 187 -13.63 13.53 -4.20
N GLY C 188 -14.92 13.14 -4.20
CA GLY C 188 -15.33 11.88 -3.62
C GLY C 188 -16.33 11.19 -4.53
N ASN C 189 -16.57 9.90 -4.27
CA ASN C 189 -17.48 9.17 -5.15
C ASN C 189 -18.94 9.46 -4.86
N LEU C 190 -19.21 10.44 -4.00
CA LEU C 190 -20.55 10.89 -3.66
C LEU C 190 -20.78 12.30 -4.18
N LEU C 191 -21.42 12.44 -5.35
CA LEU C 191 -21.66 13.78 -5.91
C LEU C 191 -22.68 14.57 -5.11
N PRO C 192 -22.64 15.91 -5.19
CA PRO C 192 -23.50 16.72 -4.30
C PRO C 192 -24.97 16.54 -4.56
N ASN C 193 -25.34 16.06 -5.74
CA ASN C 193 -26.72 15.82 -6.11
C ASN C 193 -27.18 14.40 -5.77
N LEU C 194 -26.52 13.74 -4.82
CA LEU C 194 -26.97 12.45 -4.31
C LEU C 194 -27.91 12.74 -3.15
N THR C 195 -29.11 12.19 -3.20
CA THR C 195 -30.15 12.46 -2.22
C THR C 195 -30.34 11.29 -1.27
N ALA C 196 -31.05 11.57 -0.16
CA ALA C 196 -31.42 10.51 0.76
C ALA C 196 -32.27 9.45 0.08
N ARG C 197 -33.17 9.88 -0.81
CA ARG C 197 -34.05 8.94 -1.52
C ARG C 197 -33.25 7.98 -2.39
N ASP C 198 -32.28 8.52 -3.14
CA ASP C 198 -31.39 7.69 -3.92
C ASP C 198 -30.75 6.63 -3.05
N MET C 199 -30.07 7.07 -1.98
CA MET C 199 -29.41 6.17 -1.04
C MET C 199 -30.35 5.07 -0.52
N LYS C 200 -31.59 5.42 -0.17
CA LYS C 200 -32.50 4.38 0.31
C LYS C 200 -32.84 3.38 -0.79
N THR C 201 -32.80 3.78 -2.07
CA THR C 201 -33.24 2.84 -3.11
C THR C 201 -32.31 2.57 -4.29
N CYS C 202 -31.18 3.28 -4.45
CA CYS C 202 -30.39 3.16 -5.67
C CYS C 202 -29.78 1.76 -5.83
N ARG C 203 -29.23 1.52 -7.01
CA ARG C 203 -28.82 0.18 -7.40
C ARG C 203 -27.64 0.36 -8.35
N PHE C 204 -26.44 -0.07 -7.97
CA PHE C 204 -25.29 0.10 -8.87
C PHE C 204 -25.29 -0.92 -10.01
N HIS C 205 -24.93 -0.44 -11.20
CA HIS C 205 -24.78 -1.24 -12.40
C HIS C 205 -23.73 -0.50 -13.24
N PRO C 206 -22.79 -1.21 -13.85
CA PRO C 206 -21.77 -0.52 -14.66
C PRO C 206 -22.35 0.31 -15.79
N ASP C 207 -23.59 0.03 -16.18
CA ASP C 207 -24.27 0.73 -17.27
C ASP C 207 -25.50 1.49 -16.78
N LYS C 208 -26.41 0.84 -16.07
CA LYS C 208 -27.70 1.45 -15.79
C LYS C 208 -27.60 2.50 -14.67
N ASP C 209 -26.78 2.25 -13.66
CA ASP C 209 -26.50 3.23 -12.60
C ASP C 209 -25.06 3.06 -12.10
N PRO C 210 -24.11 3.71 -12.77
CA PRO C 210 -22.69 3.55 -12.42
C PRO C 210 -22.15 4.51 -11.37
N PHE C 211 -22.99 5.19 -10.59
CA PHE C 211 -22.50 6.08 -9.56
C PHE C 211 -23.09 5.81 -8.17
N CYS C 212 -24.08 4.92 -8.09
CA CYS C 212 -24.78 4.54 -6.86
C CYS C 212 -23.83 3.97 -5.81
N PRO C 213 -23.70 4.60 -4.63
CA PRO C 213 -22.72 4.12 -3.66
C PRO C 213 -23.04 2.75 -3.11
N ILE C 214 -24.19 2.18 -3.46
CA ILE C 214 -24.67 0.95 -2.84
C ILE C 214 -24.46 -0.18 -3.84
N LEU C 215 -23.75 -1.23 -3.45
CA LEU C 215 -23.47 -2.33 -4.35
C LEU C 215 -24.05 -3.61 -3.80
N ARG C 216 -24.87 -4.28 -4.61
CA ARG C 216 -25.43 -5.57 -4.23
C ARG C 216 -24.37 -6.63 -4.36
N VAL C 217 -24.19 -7.43 -3.31
CA VAL C 217 -23.13 -8.42 -3.35
C VAL C 217 -23.29 -9.34 -4.55
N GLY C 218 -24.52 -9.74 -4.84
CA GLY C 218 -24.74 -10.58 -6.00
C GLY C 218 -24.28 -9.90 -7.27
N ASP C 219 -24.53 -8.59 -7.38
CA ASP C 219 -24.06 -7.85 -8.55
C ASP C 219 -22.55 -7.96 -8.67
N VAL C 220 -21.85 -7.73 -7.56
CA VAL C 220 -20.39 -7.78 -7.54
C VAL C 220 -19.89 -9.18 -7.87
N VAL C 221 -20.48 -10.19 -7.26
CA VAL C 221 -20.04 -11.56 -7.53
C VAL C 221 -20.15 -11.84 -9.02
N LYS C 222 -21.26 -11.41 -9.62
CA LYS C 222 -21.42 -11.58 -11.05
C LYS C 222 -20.35 -10.79 -11.79
N PHE C 223 -20.14 -9.53 -11.42
CA PHE C 223 -19.23 -8.69 -12.18
C PHE C 223 -17.85 -9.30 -12.23
N ALA C 224 -17.45 -10.01 -11.17
CA ALA C 224 -16.23 -10.79 -11.22
C ALA C 224 -16.46 -12.18 -11.84
N GLY C 225 -17.65 -12.47 -12.35
CA GLY C 225 -17.84 -13.77 -12.96
C GLY C 225 -17.73 -14.90 -11.97
N GLN C 226 -18.46 -14.81 -10.89
CA GLN C 226 -18.38 -15.85 -9.88
C GLN C 226 -19.78 -16.36 -9.60
N ASP C 227 -19.87 -17.65 -9.25
CA ASP C 227 -21.15 -18.28 -8.92
C ASP C 227 -21.37 -18.21 -7.42
N PHE C 228 -22.37 -17.43 -6.99
CA PHE C 228 -22.52 -17.18 -5.57
C PHE C 228 -22.57 -18.46 -4.77
N ALA C 229 -23.24 -19.48 -5.29
CA ALA C 229 -23.34 -20.74 -4.57
C ALA C 229 -21.96 -21.34 -4.33
N LYS C 230 -21.18 -21.48 -5.40
CA LYS C 230 -19.91 -22.17 -5.21
C LYS C 230 -18.95 -21.33 -4.39
N LEU C 231 -18.92 -20.01 -4.62
CA LEU C 231 -18.01 -19.12 -3.88
C LEU C 231 -18.34 -19.08 -2.39
N ALA C 232 -19.62 -18.95 -2.06
CA ALA C 232 -20.00 -18.95 -0.66
C ALA C 232 -19.74 -20.32 -0.04
N ARG C 233 -19.65 -21.39 -0.86
CA ARG C 233 -19.22 -22.69 -0.31
C ARG C 233 -17.72 -22.74 -0.06
N THR C 234 -16.89 -22.22 -0.98
CA THR C 234 -15.42 -22.31 -0.83
C THR C 234 -14.79 -21.13 -0.12
N GLY C 235 -15.41 -19.96 -0.14
CA GLY C 235 -14.80 -18.76 0.38
C GLY C 235 -13.79 -18.19 -0.60
N GLY C 236 -13.57 -16.89 -0.51
CA GLY C 236 -12.66 -16.30 -1.48
C GLY C 236 -12.56 -14.81 -1.29
N VAL C 237 -11.78 -14.18 -2.19
CA VAL C 237 -11.50 -12.75 -2.13
C VAL C 237 -11.89 -12.12 -3.46
N LEU C 238 -12.76 -11.12 -3.40
CA LEU C 238 -13.10 -10.32 -4.57
C LEU C 238 -12.55 -8.91 -4.40
N GLY C 239 -12.03 -8.34 -5.49
CA GLY C 239 -11.50 -6.99 -5.50
C GLY C 239 -12.46 -6.07 -6.23
N ILE C 240 -12.81 -4.98 -5.55
CA ILE C 240 -13.62 -3.89 -6.09
C ILE C 240 -12.66 -2.74 -6.40
N LYS C 241 -12.30 -2.50 -7.67
CA LYS C 241 -11.32 -1.46 -7.97
C LYS C 241 -12.03 -0.16 -8.31
N ILE C 242 -11.54 0.95 -7.75
CA ILE C 242 -12.06 2.28 -8.03
C ILE C 242 -10.94 3.10 -8.69
N GLY C 243 -11.12 3.47 -9.95
CA GLY C 243 -10.10 4.18 -10.71
C GLY C 243 -10.46 5.64 -10.88
N TRP C 244 -9.46 6.50 -10.65
CA TRP C 244 -9.58 7.94 -10.81
C TRP C 244 -8.53 8.45 -11.80
N VAL C 245 -8.76 8.22 -13.09
CA VAL C 245 -7.93 8.79 -14.15
C VAL C 245 -8.63 10.07 -14.60
N CYS C 246 -8.07 11.22 -14.22
CA CYS C 246 -8.73 12.49 -14.41
C CYS C 246 -7.79 13.49 -15.06
N ASP C 247 -8.27 14.13 -16.14
CA ASP C 247 -7.51 15.19 -16.79
C ASP C 247 -8.08 16.51 -16.28
N LEU C 248 -7.40 17.10 -15.29
CA LEU C 248 -7.94 18.27 -14.60
C LEU C 248 -8.03 19.48 -15.49
N ASP C 249 -7.27 19.53 -16.60
CA ASP C 249 -7.47 20.59 -17.57
C ASP C 249 -8.89 20.59 -18.09
N LYS C 250 -9.56 19.43 -18.10
CA LYS C 250 -10.96 19.38 -18.47
C LYS C 250 -11.80 19.91 -17.32
N ALA C 251 -13.11 19.70 -17.37
CA ALA C 251 -13.99 20.26 -16.38
C ALA C 251 -13.84 19.56 -15.02
N TRP C 252 -14.11 20.32 -13.95
CA TRP C 252 -14.01 19.81 -12.56
C TRP C 252 -14.97 18.65 -12.32
N ASP C 253 -16.19 18.81 -12.74
CA ASP C 253 -17.17 17.77 -12.63
C ASP C 253 -16.94 16.62 -13.60
N GLN C 254 -15.79 16.52 -14.27
CA GLN C 254 -15.51 15.37 -15.12
C GLN C 254 -14.59 14.37 -14.44
N CYS C 255 -14.05 14.70 -13.28
CA CYS C 255 -13.21 13.77 -12.54
C CYS C 255 -14.12 12.73 -11.91
N ILE C 256 -14.16 11.54 -12.50
CA ILE C 256 -15.24 10.60 -12.22
C ILE C 256 -14.70 9.22 -11.92
N PRO C 257 -15.28 8.49 -10.98
CA PRO C 257 -14.74 7.18 -10.61
C PRO C 257 -15.24 6.06 -11.49
N LYS C 258 -14.30 5.21 -11.91
CA LYS C 258 -14.58 4.05 -12.76
C LYS C 258 -14.50 2.80 -11.90
N TYR C 259 -15.58 2.03 -11.87
CA TYR C 259 -15.63 0.82 -11.05
C TYR C 259 -15.22 -0.41 -11.87
N SER C 260 -14.45 -1.30 -11.24
CA SER C 260 -14.01 -2.58 -11.81
C SER C 260 -14.25 -3.69 -10.78
N PHE C 261 -14.46 -4.92 -11.24
CA PHE C 261 -14.76 -6.02 -10.31
C PHE C 261 -14.00 -7.26 -10.75
N THR C 262 -13.37 -7.96 -9.81
CA THR C 262 -12.60 -9.14 -10.19
C THR C 262 -12.45 -10.07 -8.99
N ARG C 263 -11.95 -11.28 -9.23
CA ARG C 263 -11.58 -12.18 -8.14
C ARG C 263 -10.07 -12.23 -7.94
N LEU C 264 -9.64 -12.00 -6.70
CA LEU C 264 -8.21 -11.82 -6.47
C LEU C 264 -7.48 -13.12 -6.18
N ASP C 265 -8.10 -14.06 -5.47
CA ASP C 265 -7.45 -15.32 -5.13
C ASP C 265 -7.63 -16.36 -6.26
N SER C 266 -6.94 -16.09 -7.37
CA SER C 266 -7.08 -16.93 -8.55
C SER C 266 -6.45 -18.31 -8.33
N VAL C 267 -5.30 -18.37 -7.63
CA VAL C 267 -4.55 -19.61 -7.46
C VAL C 267 -5.42 -20.70 -6.86
N SER C 268 -6.48 -20.32 -6.15
CA SER C 268 -7.32 -21.28 -5.45
C SER C 268 -8.04 -22.20 -6.43
N GLU C 269 -8.47 -21.67 -7.57
CA GLU C 269 -9.20 -22.49 -8.55
C GLU C 269 -8.26 -23.43 -9.31
N LYS C 270 -7.02 -23.00 -9.54
CA LYS C 270 -6.00 -23.84 -10.17
C LYS C 270 -5.37 -24.83 -9.20
N SER C 271 -5.98 -25.02 -8.02
CA SER C 271 -5.48 -25.92 -6.99
C SER C 271 -6.61 -26.80 -6.49
N SER C 272 -6.37 -28.10 -6.47
CA SER C 272 -7.31 -29.03 -5.87
C SER C 272 -7.00 -29.28 -4.40
N VAL C 273 -5.90 -28.71 -3.91
CA VAL C 273 -5.46 -28.95 -2.55
C VAL C 273 -5.95 -27.86 -1.59
N SER C 274 -5.91 -26.58 -1.98
CA SER C 274 -6.41 -25.50 -1.14
C SER C 274 -7.36 -24.65 -1.97
N PRO C 275 -8.64 -24.99 -2.00
CA PRO C 275 -9.55 -24.38 -2.97
C PRO C 275 -10.16 -23.05 -2.57
N GLY C 276 -10.00 -22.60 -1.35
CA GLY C 276 -10.70 -21.39 -0.97
C GLY C 276 -10.06 -20.60 0.11
N TYR C 277 -10.91 -19.98 0.92
CA TYR C 277 -10.54 -19.02 1.96
C TYR C 277 -11.42 -19.26 3.16
N ASN C 278 -10.80 -19.65 4.28
CA ASN C 278 -11.53 -19.80 5.53
C ASN C 278 -10.61 -19.39 6.69
N PHE C 279 -11.23 -19.11 7.83
CA PHE C 279 -10.45 -18.80 9.02
C PHE C 279 -11.25 -19.20 10.25
N ARG C 280 -10.57 -19.44 11.36
CA ARG C 280 -11.27 -19.98 12.52
C ARG C 280 -11.16 -19.00 13.67
N PHE C 281 -12.26 -18.82 14.41
CA PHE C 281 -12.18 -17.95 15.59
C PHE C 281 -13.23 -18.36 16.61
N ALA C 282 -13.11 -17.81 17.81
CA ALA C 282 -13.90 -18.31 18.94
C ALA C 282 -14.51 -17.18 19.76
N LYS C 283 -15.78 -17.38 20.10
CA LYS C 283 -16.51 -16.53 21.02
C LYS C 283 -16.25 -17.05 22.43
N TYR C 284 -15.74 -16.19 23.31
CA TYR C 284 -15.31 -16.63 24.64
C TYR C 284 -16.32 -16.29 25.73
N TYR C 285 -16.74 -17.33 26.50
CA TYR C 285 -17.59 -17.15 27.69
C TYR C 285 -17.00 -17.91 28.87
N LYS C 286 -17.46 -17.57 30.07
CA LYS C 286 -17.08 -18.33 31.25
C LYS C 286 -18.22 -18.32 32.26
N MET C 287 -18.34 -19.44 32.97
CA MET C 287 -19.45 -19.74 33.87
C MET C 287 -19.42 -18.85 35.11
N GLU C 288 -20.38 -19.10 36.02
CA GLU C 288 -20.26 -18.57 37.37
C GLU C 288 -19.10 -19.23 38.10
N ASN C 289 -18.94 -20.54 37.90
CA ASN C 289 -17.65 -21.15 38.18
C ASN C 289 -16.60 -20.55 37.24
N GLY C 290 -15.36 -20.51 37.71
CA GLY C 290 -14.30 -19.88 36.92
C GLY C 290 -14.01 -20.51 35.55
N SER C 291 -14.57 -21.68 35.25
CA SER C 291 -14.16 -22.41 34.06
C SER C 291 -14.58 -21.68 32.78
N GLU C 292 -13.65 -21.63 31.81
CA GLU C 292 -13.90 -20.98 30.54
C GLU C 292 -14.34 -21.98 29.47
N TYR C 293 -15.18 -21.51 28.57
CA TYR C 293 -15.58 -22.24 27.40
C TYR C 293 -15.78 -21.27 26.24
N ARG C 294 -15.73 -21.79 25.01
CA ARG C 294 -15.74 -20.99 23.79
C ARG C 294 -16.55 -21.69 22.72
N THR C 295 -17.11 -20.90 21.80
CA THR C 295 -17.76 -21.43 20.61
C THR C 295 -16.80 -21.25 19.45
N LEU C 296 -16.37 -22.36 18.84
CA LEU C 296 -15.36 -22.31 17.78
C LEU C 296 -16.03 -22.37 16.41
N LEU C 297 -15.80 -21.34 15.62
CA LEU C 297 -16.42 -21.18 14.32
C LEU C 297 -15.32 -21.18 13.25
N LYS C 298 -15.37 -22.15 12.33
CA LYS C 298 -14.62 -22.06 11.08
C LYS C 298 -15.52 -21.35 10.08
N ALA C 299 -15.15 -20.15 9.70
CA ALA C 299 -15.98 -19.29 8.87
C ALA C 299 -15.43 -19.30 7.46
N PHE C 300 -16.34 -19.44 6.51
CA PHE C 300 -16.11 -19.31 5.10
C PHE C 300 -16.84 -18.06 4.63
N GLY C 301 -16.17 -17.24 3.85
CA GLY C 301 -16.83 -16.06 3.32
C GLY C 301 -16.06 -15.42 2.18
N ILE C 302 -16.67 -14.36 1.66
CA ILE C 302 -16.04 -13.54 0.67
C ILE C 302 -15.40 -12.37 1.37
N ARG C 303 -14.08 -12.21 1.14
CA ARG C 303 -13.33 -11.04 1.55
C ARG C 303 -13.43 -10.04 0.40
N PHE C 304 -13.62 -8.78 0.77
CA PHE C 304 -13.72 -7.71 -0.20
C PHE C 304 -12.56 -6.75 0.05
N ASP C 305 -11.74 -6.50 -0.99
CA ASP C 305 -10.77 -5.39 -1.02
C ASP C 305 -11.28 -4.32 -1.96
N VAL C 306 -11.55 -3.15 -1.43
CA VAL C 306 -11.78 -1.97 -2.23
C VAL C 306 -10.40 -1.40 -2.55
N LEU C 307 -10.06 -1.38 -3.84
CA LEU C 307 -8.73 -0.95 -4.29
C LEU C 307 -8.89 0.36 -5.05
N VAL C 308 -8.35 1.45 -4.50
CA VAL C 308 -8.49 2.77 -5.09
C VAL C 308 -7.14 3.18 -5.65
N TYR C 309 -7.07 3.36 -6.96
CA TYR C 309 -5.90 3.90 -7.66
C TYR C 309 -6.33 5.10 -8.49
N GLY C 310 -5.34 5.83 -9.00
CA GLY C 310 -5.65 6.95 -9.87
C GLY C 310 -4.39 7.66 -10.32
N ASN C 311 -4.56 8.50 -11.33
CA ASN C 311 -3.51 9.41 -11.74
C ASN C 311 -4.16 10.60 -12.42
N ALA C 312 -3.71 11.79 -12.07
CA ALA C 312 -4.26 13.00 -12.64
C ALA C 312 -3.17 13.84 -13.30
N GLY C 313 -3.49 14.42 -14.45
CA GLY C 313 -2.56 15.28 -15.13
C GLY C 313 -3.12 16.66 -15.28
N LYS C 314 -2.34 17.67 -14.97
CA LYS C 314 -2.76 19.05 -15.19
C LYS C 314 -1.66 19.80 -15.93
N PHE C 315 -2.10 20.63 -16.89
CA PHE C 315 -1.16 21.31 -17.77
C PHE C 315 -0.20 22.19 -16.98
N ASN C 316 1.07 22.14 -17.36
CA ASN C 316 2.07 23.11 -16.89
C ASN C 316 2.96 23.43 -18.07
N ILE C 317 3.58 24.59 -17.98
CA ILE C 317 4.37 25.07 -19.09
C ILE C 317 5.75 24.39 -19.12
N ILE C 318 6.31 24.03 -17.96
CA ILE C 318 7.66 23.42 -17.94
C ILE C 318 7.73 22.13 -18.73
N PRO C 319 6.85 21.13 -18.53
CA PRO C 319 6.91 19.94 -19.39
C PRO C 319 6.66 20.26 -20.83
N THR C 320 5.79 21.24 -21.10
CA THR C 320 5.46 21.61 -22.47
C THR C 320 6.70 22.13 -23.21
N ILE C 321 7.44 23.04 -22.57
CA ILE C 321 8.68 23.57 -23.11
C ILE C 321 9.69 22.46 -23.36
N ILE C 322 9.87 21.57 -22.39
CA ILE C 322 10.87 20.53 -22.56
C ILE C 322 10.49 19.58 -23.69
N SER C 323 9.20 19.29 -23.82
CA SER C 323 8.74 18.40 -24.88
C SER C 323 8.89 19.06 -26.24
N SER C 324 8.58 20.35 -26.35
CA SER C 324 8.75 21.05 -27.62
C SER C 324 10.23 21.19 -28.01
N VAL C 325 11.11 21.37 -27.03
CA VAL C 325 12.54 21.38 -27.30
C VAL C 325 12.97 20.03 -27.85
N ALA C 326 12.57 18.96 -27.18
CA ALA C 326 12.93 17.63 -27.66
C ALA C 326 12.33 17.34 -29.02
N ALA C 327 11.12 17.86 -29.29
CA ALA C 327 10.51 17.67 -30.61
C ALA C 327 11.36 18.33 -31.68
N PHE C 328 11.76 19.59 -31.48
CA PHE C 328 12.59 20.25 -32.47
C PHE C 328 13.92 19.54 -32.64
N THR C 329 14.50 19.04 -31.54
CA THR C 329 15.77 18.33 -31.64
C THR C 329 15.60 16.96 -32.28
N SER C 330 14.40 16.43 -32.30
CA SER C 330 14.17 15.13 -32.93
C SER C 330 13.77 15.27 -34.40
N VAL C 331 13.28 16.43 -34.82
CA VAL C 331 12.91 16.57 -36.23
C VAL C 331 14.11 16.30 -37.13
N GLY C 332 15.32 16.44 -36.60
CA GLY C 332 16.51 16.27 -37.40
C GLY C 332 16.88 14.83 -37.71
N VAL C 333 16.33 13.87 -36.98
CA VAL C 333 16.81 12.49 -37.10
C VAL C 333 16.67 11.94 -38.51
N GLY C 334 15.67 12.42 -39.26
CA GLY C 334 15.48 11.93 -40.62
C GLY C 334 16.66 12.13 -41.55
N THR C 335 17.65 12.93 -41.15
CA THR C 335 18.75 13.21 -42.05
C THR C 335 19.55 11.95 -42.39
N VAL C 336 19.64 10.99 -41.48
CA VAL C 336 20.46 9.81 -41.75
C VAL C 336 19.78 8.90 -42.77
N LEU C 337 18.49 8.65 -42.60
CA LEU C 337 17.77 7.88 -43.62
C LEU C 337 17.80 8.62 -44.96
N CYS C 338 17.59 9.95 -44.92
CA CYS C 338 17.59 10.74 -46.14
C CYS C 338 18.96 10.70 -46.81
N ASP C 339 20.01 10.65 -46.00
CA ASP C 339 21.37 10.47 -46.47
C ASP C 339 21.49 9.17 -47.24
N ILE C 340 21.00 8.08 -46.64
CA ILE C 340 21.11 6.77 -47.30
C ILE C 340 20.41 6.80 -48.65
N ILE C 341 19.18 7.31 -48.68
CA ILE C 341 18.39 7.34 -49.91
C ILE C 341 19.11 8.19 -50.96
N LEU C 342 19.57 9.37 -50.57
CA LEU C 342 20.26 10.27 -51.50
C LEU C 342 21.53 9.62 -52.03
N LEU C 343 22.42 9.19 -51.13
CA LEU C 343 23.72 8.63 -51.44
C LEU C 343 23.67 7.23 -52.02
N ASN C 344 22.48 6.60 -52.17
CA ASN C 344 22.48 5.26 -52.75
C ASN C 344 21.29 4.97 -53.66
N PHE C 345 20.52 5.99 -54.10
CA PHE C 345 19.33 5.66 -54.89
C PHE C 345 18.96 6.69 -55.95
N LEU C 346 19.96 7.32 -56.62
CA LEU C 346 19.72 8.19 -57.76
C LEU C 346 20.69 7.92 -58.92
N LYS C 347 21.39 6.78 -58.92
CA LYS C 347 22.38 6.38 -59.92
C LYS C 347 23.64 7.25 -59.93
N GLY C 348 23.49 8.58 -59.80
CA GLY C 348 24.63 9.47 -59.72
C GLY C 348 25.10 9.66 -58.31
N ALA C 349 24.95 8.60 -57.50
CA ALA C 349 25.37 8.64 -56.10
C ALA C 349 26.79 9.15 -55.92
N ASP C 350 27.68 8.82 -56.85
CA ASP C 350 29.06 9.29 -56.76
C ASP C 350 29.13 10.81 -56.77
N GLN C 351 28.23 11.47 -57.52
CA GLN C 351 28.18 12.93 -57.52
C GLN C 351 27.98 13.48 -56.12
N TYR C 352 27.02 12.91 -55.39
CA TYR C 352 26.71 13.40 -54.06
C TYR C 352 27.79 13.02 -53.05
N LYS C 353 28.33 11.80 -53.16
CA LYS C 353 29.45 11.42 -52.32
C LYS C 353 30.62 12.39 -52.51
N ALA C 354 30.86 12.80 -53.76
CA ALA C 354 31.92 13.75 -54.04
C ALA C 354 31.57 15.13 -53.50
N LYS C 355 30.33 15.58 -53.70
CA LYS C 355 29.92 16.90 -53.26
C LYS C 355 30.05 17.03 -51.74
N LYS C 356 29.78 15.94 -51.02
CA LYS C 356 29.69 15.97 -49.56
C LYS C 356 31.02 15.64 -48.89
N PHE C 357 31.80 14.73 -49.45
CA PHE C 357 32.99 14.18 -48.79
C PHE C 357 34.27 14.73 -49.45
N GLU C 358 35.10 15.40 -48.63
CA GLU C 358 36.43 15.94 -48.99
C GLU C 358 37.50 15.09 -48.31
N GLU C 359 38.06 14.11 -49.02
CA GLU C 359 38.98 13.17 -48.40
C GLU C 359 40.25 13.88 -47.92
N VAL C 360 40.98 13.19 -47.04
CA VAL C 360 42.23 13.68 -46.48
C VAL C 360 43.10 12.44 -46.26
N ASN C 361 44.42 12.61 -46.27
CA ASN C 361 45.31 11.49 -45.95
C ASN C 361 46.69 11.98 -45.53
N GLU C 362 47.23 11.37 -44.47
CA GLU C 362 48.63 11.54 -44.06
C GLU C 362 48.96 10.62 -42.89
C1 GLC D . 8.58 25.78 -9.31
C2 GLC D . 9.18 24.87 -8.25
C3 GLC D . 9.59 23.58 -8.92
C4 GLC D . 8.43 23.07 -9.76
C5 GLC D . 8.14 24.07 -10.89
C6 GLC D . 6.68 24.48 -11.04
O1 GLC D . 9.10 27.08 -9.18
O2 GLC D . 10.29 25.50 -7.64
O3 GLC D . 10.03 22.62 -7.97
O4 GLC D . 8.76 21.79 -10.25
O5 GLC D . 8.88 25.25 -10.60
O6 GLC D . 5.83 23.37 -11.22
C1 GLC D . 8.07 20.66 -9.70
C2 GLC D . 9.02 19.76 -8.91
C3 GLC D . 10.06 19.13 -9.83
C4 GLC D . 9.49 18.58 -11.17
C5 GLC D . 8.27 19.36 -11.73
C6 GLC D . 7.43 18.52 -12.71
O2 GLC D . 9.72 20.51 -7.94
O3 GLC D . 10.73 18.11 -9.08
O4 GLC D . 10.55 18.53 -12.14
O5 GLC D . 7.41 19.88 -10.70
O6 GLC D . 8.06 18.41 -13.98
C1 GLC E . 29.01 17.49 -0.43
C2 GLC E . 28.89 16.40 -1.51
C3 GLC E . 28.98 15.00 -0.91
C4 GLC E . 29.91 14.96 0.32
C5 GLC E . 29.50 15.98 1.40
C6 GLC E . 30.73 16.59 2.09
O1 GLC E . 28.19 18.59 -0.76
O2 GLC E . 27.69 16.52 -2.26
O3 GLC E . 29.41 14.07 -1.89
O4 GLC E . 29.82 13.67 0.89
O5 GLC E . 28.66 17.00 0.86
O6 GLC E . 30.40 17.04 3.39
C1 GLC E . 30.96 12.81 0.91
C2 GLC E . 30.63 11.47 0.20
C3 GLC E . 31.31 10.32 0.94
C4 GLC E . 30.82 10.25 2.40
C5 GLC E . 30.67 11.67 3.02
C6 GLC E . 31.07 11.70 4.50
O2 GLC E . 29.24 11.17 0.10
O3 GLC E . 32.73 10.50 0.86
O4 GLC E . 29.62 9.49 2.48
O5 GLC E . 31.42 12.62 2.26
O6 GLC E . 30.26 12.58 5.26
C1 GLC F . -0.92 -0.03 -28.97
C2 GLC F . -2.04 0.72 -28.25
C3 GLC F . -1.50 1.72 -27.24
C4 GLC F . -0.26 1.14 -26.57
C5 GLC F . 0.83 0.87 -27.60
C6 GLC F . 1.62 -0.39 -27.26
O1 GLC F . -1.26 -0.26 -30.33
O2 GLC F . -2.87 1.37 -29.19
O3 GLC F . -2.49 2.00 -26.27
O4 GLC F . 0.25 2.03 -25.60
O5 GLC F . 0.27 0.76 -28.90
O6 GLC F . 2.72 -0.07 -26.44
C1 GLC F . -0.12 1.69 -24.29
C2 GLC F . -0.65 2.94 -23.56
C3 GLC F . 0.47 3.82 -23.00
C4 GLC F . 1.58 3.01 -22.35
C5 GLC F . 2.03 1.83 -23.21
C6 GLC F . 3.02 0.94 -22.43
O2 GLC F . -1.42 3.64 -24.52
O3 GLC F . -0.03 4.71 -22.01
O4 GLC F . 2.67 3.87 -22.08
O5 GLC F . 0.94 1.03 -23.61
O6 GLC F . 3.96 1.70 -21.71
PG ATP G . -27.69 3.94 9.49
O1G ATP G . -28.42 4.74 10.56
O2G ATP G . -28.64 3.44 8.42
O3G ATP G . -26.64 2.93 9.99
PB ATP G . -26.22 6.36 9.26
O1B ATP G . -25.15 5.98 10.27
O2B ATP G . -27.35 7.28 9.68
O3B ATP G . -26.86 5.02 8.65
PA ATP G . -24.23 6.26 7.16
O1A ATP G . -24.18 4.82 7.69
O2A ATP G . -23.01 7.18 7.22
O3A ATP G . -25.51 6.97 7.90
O5' ATP G . -24.71 6.17 5.62
C5' ATP G . -25.40 7.25 5.02
C4' ATP G . -26.66 6.68 4.38
O4' ATP G . -26.33 5.56 3.55
C3' ATP G . -27.67 6.19 5.40
O3' ATP G . -28.94 6.83 5.20
C2' ATP G . -27.88 4.72 5.14
O2' ATP G . -29.26 4.40 5.13
C1' ATP G . -27.27 4.49 3.77
N9 ATP G . -26.56 3.20 3.76
C8 ATP G . -25.42 2.93 4.41
N7 ATP G . -25.03 1.64 4.20
C5 ATP G . -25.97 1.08 3.40
C6 ATP G . -26.15 -0.24 2.78
N6 ATP G . -25.29 -1.26 2.98
N1 ATP G . -27.23 -0.36 2.01
C2 ATP G . -28.11 0.64 1.80
N3 ATP G . -28.00 1.86 2.33
C4 ATP G . -26.97 2.11 3.11
C1 NAG H . -7.54 18.43 28.71
C2 NAG H . -8.73 18.59 29.64
C3 NAG H . -8.84 20.02 30.15
C4 NAG H . -7.53 20.44 30.80
C5 NAG H . -6.44 20.29 29.73
C6 NAG H . -5.05 20.69 30.16
C7 NAG H . -10.89 17.45 29.55
C8 NAG H . -12.12 17.14 28.72
N2 NAG H . -9.96 18.21 28.97
O3 NAG H . -9.92 20.14 31.07
O4 NAG H . -7.58 21.76 31.32
O5 NAG H . -6.36 18.91 29.34
O6 NAG H . -4.11 19.97 29.37
O7 NAG H . -10.76 17.02 30.70
C1 NAG I . 17.79 15.37 19.28
C2 NAG I . 17.55 16.74 19.94
C3 NAG I . 16.80 17.67 19.01
C4 NAG I . 17.55 17.79 17.69
C5 NAG I . 17.75 16.40 17.11
C6 NAG I . 18.57 16.36 15.85
C7 NAG I . 17.41 16.84 22.38
C8 NAG I . 16.56 16.63 23.59
N2 NAG I . 16.83 16.60 21.20
O3 NAG I . 16.59 18.92 19.66
O4 NAG I . 16.81 18.57 16.75
O5 NAG I . 18.47 15.57 18.04
O6 NAG I . 19.33 15.17 15.87
O7 NAG I . 18.59 17.19 22.46
C1 EDO J . -29.11 -9.95 31.06
O1 EDO J . -28.71 -9.30 32.31
C2 EDO J . -30.59 -9.74 30.63
O2 EDO J . -30.93 -10.35 29.37
PG ATP K . 3.22 0.96 29.16
O1G ATP K . 3.71 1.69 30.42
O2G ATP K . 2.00 1.62 28.45
O3G ATP K . 3.12 -0.52 29.45
PB ATP K . 5.33 -0.32 27.70
O1B ATP K . 6.06 -0.49 29.01
O2B ATP K . 4.59 -1.56 27.21
O3B ATP K . 4.37 0.96 27.99
PA ATP K . 5.90 0.59 25.10
O1A ATP K . 4.42 0.12 25.06
O2A ATP K . 6.97 0.11 24.14
O3A ATP K . 6.33 0.28 26.61
O5' ATP K . 5.87 2.19 25.07
C5' ATP K . 7.06 2.91 24.83
C4' ATP K . 7.14 3.95 25.95
O4' ATP K . 6.28 5.04 25.65
C3' ATP K . 6.67 3.37 27.29
O3' ATP K . 7.60 3.76 28.33
C2' ATP K . 5.30 3.96 27.56
O2' ATP K . 5.31 4.42 28.91
C1' ATP K . 5.32 5.18 26.68
N9 ATP K . 4.08 5.30 25.91
C8 ATP K . 3.64 4.41 25.02
N7 ATP K . 2.49 4.85 24.45
C5 ATP K . 2.23 6.05 24.99
C6 ATP K . 1.18 7.08 24.84
N6 ATP K . 0.16 6.87 23.95
N1 ATP K . 1.32 8.18 25.63
C2 ATP K . 2.36 8.41 26.50
N3 ATP K . 3.35 7.53 26.68
C4 ATP K . 3.31 6.36 25.97
MG MG L . -30.50 3.68 11.47
C1 NAG M . 10.06 -28.10 18.23
C2 NAG M . 10.45 -28.38 19.69
C3 NAG M . 11.93 -28.77 19.79
C4 NAG M . 12.34 -29.79 18.73
C5 NAG M . 11.72 -29.52 17.35
C6 NAG M . 11.86 -30.68 16.38
C7 NAG M . 8.99 -27.04 21.12
C8 NAG M . 8.89 -25.82 22.00
N2 NAG M . 10.18 -27.24 20.55
O3 NAG M . 12.17 -29.29 21.10
O4 NAG M . 13.76 -29.76 18.59
O5 NAG M . 10.32 -29.24 17.45
O6 NAG M . 10.60 -31.10 15.87
O7 NAG M . 8.05 -27.79 20.92
C1 NAG N . 6.99 -28.71 -9.56
C2 NAG N . 8.10 -29.59 -8.95
C3 NAG N . 9.32 -28.74 -8.58
C4 NAG N . 9.70 -27.75 -9.68
C5 NAG N . 8.49 -27.01 -10.21
C6 NAG N . 8.79 -26.13 -11.39
C7 NAG N . 8.09 -31.48 -7.37
C8 NAG N . 7.44 -32.06 -6.13
N2 NAG N . 7.60 -30.30 -7.78
O3 NAG N . 10.44 -29.61 -8.37
O4 NAG N . 10.62 -26.79 -9.16
O5 NAG N . 7.49 -27.96 -10.64
O6 NAG N . 8.31 -26.67 -12.61
O7 NAG N . 9.01 -32.05 -7.96
C1 NAG O . -23.61 -7.01 41.00
C2 NAG O . -23.21 -6.04 42.12
C3 NAG O . -21.79 -6.36 42.58
C4 NAG O . -21.69 -7.82 43.00
C5 NAG O . -22.25 -8.75 41.93
C6 NAG O . -22.35 -10.20 42.35
C7 NAG O . -24.51 -4.02 41.59
C8 NAG O . -24.43 -2.58 41.14
N2 NAG O . -23.32 -4.65 41.70
O3 NAG O . -21.42 -5.49 43.65
O4 NAG O . -20.33 -8.18 43.22
O5 NAG O . -23.58 -8.35 41.52
O6 NAG O . -22.93 -10.98 41.31
O7 NAG O . -25.59 -4.59 41.83
C1 EDO P . -15.38 -11.58 39.56
O1 EDO P . -16.15 -12.83 39.45
C2 EDO P . -14.08 -11.64 40.38
O2 EDO P . -14.25 -11.10 41.69
PG ATP Q . -7.63 -27.10 7.61
O1G ATP Q . -8.30 -26.34 8.75
O2G ATP Q . -6.12 -27.14 7.70
O3G ATP Q . -8.23 -28.47 7.32
PB ATP Q . -9.17 -26.21 5.34
O1B ATP Q . -10.41 -26.06 6.26
O2B ATP Q . -9.02 -27.44 4.45
O3B ATP Q . -7.85 -26.17 6.28
PA ATP Q . -7.68 -24.26 3.88
O1A ATP Q . -7.18 -23.41 5.04
O2A ATP Q . -7.82 -23.60 2.52
O3A ATP Q . -9.08 -24.93 4.36
O5' ATP Q . -6.73 -25.55 3.71
C5' ATP Q . -5.45 -25.47 3.07
C4' ATP Q . -4.77 -26.82 3.16
O4' ATP Q . -3.37 -26.61 3.33
C3' ATP Q . -5.29 -27.65 4.34
O3' ATP Q . -6.07 -28.78 3.90
C2' ATP Q . -4.06 -28.04 5.14
O2' ATP Q . -3.77 -29.44 4.97
C1' ATP Q . -2.93 -27.23 4.55
N9 ATP Q . -2.53 -26.20 5.57
C8 ATP Q . -3.17 -25.04 5.83
N7 ATP Q . -2.56 -24.32 6.81
C5 ATP Q . -1.50 -25.04 7.19
C6 ATP Q . -0.43 -24.88 8.19
N6 ATP Q . -0.38 -23.77 8.98
N1 ATP Q . 0.51 -25.86 8.29
C2 ATP Q . 0.47 -26.97 7.50
N3 ATP Q . -0.49 -27.18 6.58
C4 ATP Q . -1.48 -26.28 6.38
MG MG R . 3.36 0.67 32.34
C1 NAG S . -33.13 -11.16 -3.55
C2 NAG S . -33.36 -12.66 -3.34
C3 NAG S . -34.41 -13.19 -4.33
C4 NAG S . -35.68 -12.34 -4.26
C5 NAG S . -35.37 -10.83 -4.33
C6 NAG S . -36.56 -9.97 -3.95
C7 NAG S . -31.80 -14.41 -2.63
C8 NAG S . -30.51 -15.11 -2.89
N2 NAG S . -32.11 -13.41 -3.46
O3 NAG S . -34.75 -14.56 -4.08
O4 NAG S . -36.54 -12.70 -5.33
O5 NAG S . -34.34 -10.47 -3.39
O6 NAG S . -36.50 -9.56 -2.59
O7 NAG S . -32.56 -14.74 -1.68
C1 NAG T . -25.35 14.55 -10.66
C2 NAG T . -26.21 13.57 -11.43
C3 NAG T . -25.37 12.77 -12.43
C4 NAG T . -24.47 13.70 -13.25
C5 NAG T . -23.74 14.71 -12.37
C6 NAG T . -22.97 15.78 -13.14
C7 NAG T . -27.96 11.98 -10.82
C8 NAG T . -28.53 11.11 -9.74
N2 NAG T . -26.88 12.68 -10.50
O3 NAG T . -26.23 12.06 -13.31
O4 NAG T . -23.52 12.90 -13.94
O5 NAG T . -24.68 15.40 -11.55
O6 NAG T . -22.73 15.43 -14.50
O7 NAG T . -28.46 12.02 -11.96
C1 NAG U . -17.07 -25.34 37.12
C2 NAG U . -16.47 -26.73 36.91
C3 NAG U . -17.21 -27.45 35.77
C4 NAG U . -18.70 -27.45 36.05
C5 NAG U . -19.18 -26.02 36.34
C6 NAG U . -20.65 -25.91 36.70
C7 NAG U . -14.20 -27.64 36.81
C8 NAG U . -12.77 -27.35 36.48
N2 NAG U . -15.06 -26.64 36.62
O3 NAG U . -16.72 -28.77 35.62
O4 NAG U . -19.39 -27.99 34.92
O5 NAG U . -18.45 -25.46 37.43
O6 NAG U . -21.08 -24.56 36.53
O7 NAG U . -14.57 -28.74 37.24
C1 EDO V . -20.90 -25.50 28.83
O1 EDO V . -21.71 -25.02 29.90
C2 EDO V . -21.25 -26.92 28.39
O2 EDO V . -20.20 -27.82 28.80
MG MG W . -9.00 -30.37 9.05
#